data_7EZM
#
_entry.id   7EZM
#
_cell.length_a   1.00
_cell.length_b   1.00
_cell.length_c   1.00
_cell.angle_alpha   90.00
_cell.angle_beta   90.00
_cell.angle_gamma   90.00
#
_symmetry.space_group_name_H-M   'P 1'
#
loop_
_entity.id
_entity.type
_entity.pdbx_description
1 polymer 'fusion protein of Guanine nucleotide-binding protein G(i) subunit alpha-1 and Guanine nucleotide-binding protein G(q) subunit alpha-q'
2 polymer 'Guanine nucleotide-binding protein G(I)/G(S)/G(T) subunit beta-1'
3 polymer 'Cholecystokinin receptor type A'
4 polymer 'Guanine nucleotide-binding protein G(I)/G(S)/G(O) subunit gamma-2'
5 polymer scFv16
6 polymer Cholecystokinin-8
#
loop_
_entity_poly.entity_id
_entity_poly.type
_entity_poly.pdbx_seq_one_letter_code
_entity_poly.pdbx_strand_id
1 'polypeptide(L)'
;MGCTLSAEDKAAVERSKMIDRNLREDGEKARRELKLLLLGTGESGKSTFIKQMRIIHGSGYSDEDKRGFTKLVYQNIFTA
MQAMIRAMDTLKIPYKYEHNKAHAQLVREVDVEKVSAFENPYVDAIKSLWNDPGIQECYDRRREYQLSDSTKYYLNDLDR
VADPAYLPTQQDVLRVRVPTTGIIEYPFDLQSVIFRMVDVGAQRSERRKWIHCFENVTSIMFLVALSEYDQVLVESDNEN
RMEESKALFRTIITYPWFQNSSVILFLNKKDLLEEKIMYSHLVDYFPEYDGPQRDAQAAREFILKMFVDLNPDSDKIIYS
HFTCSTDTENIRFVFAAVKDTILQLNLKEYNLV
;
A
2 'polypeptide(L)'
;MHHHHHHGSLLQSELDQLRQEAEQLKNQIRDARKACADATLSQITNNIDPVGRIQMRTRRTLRGHLAKIYAMHWGTDSRL
LVSASQDGKLIIWDSYTTNKVHAIPLRSSWVMTCAYAPSGNYVACGGLDNICSIYNLKTREGNVRVSRELAGHTGYLSCC
RFLDDNQIVTSSGDTTCALWDIETGQQTTTFTGHTGDVMSLSLAPDTRLFVSGACDASAKLWDVREGMCRQTFTGHESDI
NAICFFPNGNAFATGSDDATCRLFDLRADQELMTYSHDNIICGITSVSFSKSGRLLLAGYDDFNCNVWDALKADRAGVLA
GHDNRVSCLGVTDDGMAVATGSWDSFLKIWN
;
B
3 'polypeptide(L)'
;MDVVDSLLVNGSNITPPCELGLENETLFCLDQPRPSKEWQPAVQILLYSLIFLLSVLGNTLVITVLIRNKRMRTVTNIFL
LSLAVSDLMLCLFCMPFNLIPNLLKDFIFGSAVCKTTTYFMGTSVSVSTFNLVAISLERYGAICKPLQSRVWQTKSHALK
VIAATWCLSFTIMTPYPIYSNLVPFTKNNNQTANMCRFLLPNDVMQQSWHTFLLLILFLIPGIVMMVAYGLISLELYQGI
KFEASQKKSAKERKPSTTSSGKYEDSDGCYLQKTRPPRKLELRQLSTGSSSRANRIRSNSSAANLMAKKRVIRMLIVIVV
LFFLCWMPIFSANAWRAYDTASAERRLSGTPISFILLLSYTSSCVNPIIYCFMNKRFRLGFMATFPCCPNPGPPGARGEV
GEEEEGGTTGASLSRFSYSHMSASVPPQ
;
D
4 'polypeptide(L)' MASNNTASIAQARKLVEQLKMEANIDRIKVSKAAADLMAYCEAHAKEDPLLTPVPASENPFREKKFFCAIL G
5 'polypeptide(L)'
;VQLVESGGGLVQPGGSRKLSCSASGFAFSSFGMHWVRQAPEKGLEWVAYISSGSGTIYYADTVKGRFTISRDDPKNTLFL
QMTSLRSEDTAMYYCVRSIYYYGSSPFDFWGQGTTLTVSAGGGGSGGGGSGGGGSADIVMTQATSSVPVTPGESVSISCR
SSKSLLHSNGNTYLYWFLQRPGQSPQLLIYRMSNLASGVPDRFSGSGSGTAFTLTISRLEAEDVGVYYCMQHLEYPLTFG
AGTKLEL
;
H
6 'polypeptide(L)' D(TYS)MGWMDFF P
#
# COMPACT_ATOMS: atom_id res chain seq x y z
N THR A 4 -11.32 22.34 -15.16
CA THR A 4 -11.06 22.44 -13.73
C THR A 4 -12.22 21.78 -12.99
N LEU A 5 -11.98 21.53 -11.69
CA LEU A 5 -12.93 20.78 -10.89
C LEU A 5 -14.14 21.63 -10.49
N SER A 6 -15.32 21.02 -10.51
CA SER A 6 -16.50 21.63 -9.93
C SER A 6 -16.52 21.51 -8.41
N ALA A 7 -17.51 22.19 -7.81
CA ALA A 7 -17.75 22.13 -6.39
C ALA A 7 -17.90 20.69 -5.89
N GLU A 8 -18.50 19.86 -6.73
CA GLU A 8 -18.71 18.44 -6.34
C GLU A 8 -17.42 17.65 -6.53
N ASP A 9 -16.67 17.94 -7.57
CA ASP A 9 -15.38 17.30 -7.77
C ASP A 9 -14.36 17.74 -6.71
N LYS A 10 -14.44 19.00 -6.28
CA LYS A 10 -13.66 19.49 -5.12
C LYS A 10 -14.05 18.76 -3.83
N ALA A 11 -15.35 18.57 -3.58
CA ALA A 11 -15.71 17.83 -2.37
C ALA A 11 -15.38 16.35 -2.46
N ALA A 12 -15.37 15.78 -3.66
CA ALA A 12 -14.85 14.44 -3.86
C ALA A 12 -13.35 14.34 -3.55
N VAL A 13 -12.57 15.29 -4.06
CA VAL A 13 -11.14 15.34 -3.74
C VAL A 13 -10.91 15.50 -2.24
N GLU A 14 -11.74 16.30 -1.59
CA GLU A 14 -11.65 16.45 -0.14
C GLU A 14 -11.96 15.14 0.60
N ARG A 15 -12.95 14.38 0.13
CA ARG A 15 -13.18 13.04 0.67
C ARG A 15 -11.98 12.13 0.43
N SER A 16 -11.41 12.20 -0.79
CA SER A 16 -10.19 11.44 -1.10
C SER A 16 -9.05 11.77 -0.13
N LYS A 17 -8.82 13.05 0.15
CA LYS A 17 -7.76 13.46 1.07
C LYS A 17 -8.08 13.14 2.53
N MET A 18 -9.35 13.14 2.93
CA MET A 18 -9.69 12.66 4.28
C MET A 18 -9.50 11.14 4.40
N ILE A 19 -9.82 10.41 3.34
CA ILE A 19 -9.48 9.00 3.30
C ILE A 19 -7.96 8.78 3.32
N ASP A 20 -7.22 9.59 2.59
CA ASP A 20 -5.75 9.53 2.65
C ASP A 20 -5.25 9.69 4.07
N ARG A 21 -5.73 10.72 4.78
CA ARG A 21 -5.25 10.88 6.14
C ARG A 21 -5.70 9.75 7.08
N ASN A 22 -6.86 9.14 6.84
CA ASN A 22 -7.21 7.92 7.59
C ASN A 22 -6.32 6.74 7.25
N LEU A 23 -5.96 6.59 5.97
CA LEU A 23 -5.06 5.53 5.53
C LEU A 23 -3.67 5.70 6.14
N ARG A 24 -3.12 6.92 6.12
CA ARG A 24 -1.85 7.20 6.78
C ARG A 24 -1.90 6.95 8.30
N GLU A 25 -2.99 7.36 8.96
CA GLU A 25 -3.08 7.05 10.39
C GLU A 25 -3.21 5.55 10.69
N ASP A 26 -3.88 4.79 9.82
CA ASP A 26 -3.84 3.35 9.98
C ASP A 26 -2.53 2.72 9.51
N GLY A 27 -1.81 3.36 8.60
CA GLY A 27 -0.43 2.98 8.32
C GLY A 27 0.47 3.11 9.55
N GLU A 28 0.38 4.26 10.23
CA GLU A 28 1.04 4.43 11.51
C GLU A 28 0.68 3.31 12.48
N LYS A 29 -0.62 3.01 12.61
CA LYS A 29 -1.02 1.94 13.54
C LYS A 29 -0.55 0.57 13.11
N ALA A 30 -0.67 0.25 11.82
CA ALA A 30 -0.31 -1.06 11.29
C ALA A 30 1.20 -1.29 11.25
N ARG A 31 2.01 -0.23 11.22
CA ARG A 31 3.46 -0.29 11.24
C ARG A 31 4.02 -0.37 12.67
N ARG A 32 3.44 0.36 13.63
CA ARG A 32 3.79 0.20 15.06
C ARG A 32 3.35 -1.12 15.64
N GLU A 33 2.84 -2.08 14.87
CA GLU A 33 2.53 -3.41 15.39
C GLU A 33 3.42 -4.48 14.72
N LEU A 34 4.12 -5.26 15.54
CA LEU A 34 4.95 -6.35 14.99
C LEU A 34 4.08 -7.59 14.78
N LYS A 35 3.88 -7.97 13.52
CA LYS A 35 3.19 -9.21 13.18
C LYS A 35 4.10 -10.41 13.44
N LEU A 36 3.50 -11.46 14.02
CA LEU A 36 4.14 -12.75 14.25
C LEU A 36 3.25 -13.85 13.69
N LEU A 37 3.85 -14.89 13.13
CA LEU A 37 3.08 -16.02 12.61
C LEU A 37 3.35 -17.24 13.49
N LEU A 38 2.33 -17.63 14.26
CA LEU A 38 2.36 -18.83 15.09
C LEU A 38 2.01 -20.05 14.25
N LEU A 39 2.94 -20.97 14.13
CA LEU A 39 2.69 -22.24 13.43
C LEU A 39 3.02 -23.39 14.37
N GLY A 40 2.36 -24.52 14.16
CA GLY A 40 2.72 -25.74 14.84
C GLY A 40 1.96 -26.92 14.28
N THR A 41 2.48 -28.10 14.58
CA THR A 41 1.84 -29.35 14.19
C THR A 41 0.57 -29.54 15.03
N GLY A 42 -0.25 -30.50 14.61
CA GLY A 42 -1.35 -31.00 15.41
C GLY A 42 -0.95 -31.47 16.79
N GLU A 43 -1.68 -31.02 17.82
CA GLU A 43 -1.38 -31.28 19.23
C GLU A 43 -0.03 -30.67 19.68
N SER A 44 0.50 -29.69 18.92
CA SER A 44 1.62 -28.90 19.39
C SER A 44 1.23 -27.97 20.53
N GLY A 45 -0.07 -27.79 20.82
CA GLY A 45 -0.50 -27.03 21.98
C GLY A 45 -0.77 -25.56 21.74
N LYS A 46 -1.10 -25.18 20.50
CA LYS A 46 -1.36 -23.77 20.19
C LYS A 46 -2.40 -23.16 21.15
N SER A 47 -3.46 -23.92 21.42
CA SER A 47 -4.52 -23.48 22.31
C SER A 47 -4.01 -23.23 23.73
N THR A 48 -3.37 -24.23 24.35
CA THR A 48 -2.90 -24.09 25.72
C THR A 48 -1.77 -23.05 25.81
N PHE A 49 -0.91 -22.99 24.81
CA PHE A 49 0.19 -22.04 24.74
C PHE A 49 -0.31 -20.60 24.68
N ILE A 50 -1.25 -20.34 23.77
CA ILE A 50 -1.88 -19.02 23.69
C ILE A 50 -2.66 -18.71 24.96
N LYS A 51 -3.39 -19.68 25.51
CA LYS A 51 -4.11 -19.47 26.77
C LYS A 51 -3.19 -19.11 27.91
N GLN A 52 -2.00 -19.72 27.96
CA GLN A 52 -0.98 -19.38 28.95
C GLN A 52 -0.42 -17.98 28.75
N MET A 53 -0.15 -17.56 27.50
CA MET A 53 0.20 -16.15 27.28
C MET A 53 -0.92 -15.21 27.69
N ARG A 54 -2.16 -15.62 27.48
CA ARG A 54 -3.31 -14.82 27.85
C ARG A 54 -3.51 -14.68 29.37
N ILE A 55 -3.26 -15.75 30.12
CA ILE A 55 -3.28 -15.60 31.57
C ILE A 55 -2.01 -14.88 32.06
N ILE A 56 -0.90 -14.98 31.33
CA ILE A 56 0.36 -14.30 31.73
C ILE A 56 0.30 -12.81 31.34
N HIS A 57 -0.30 -12.50 30.20
CA HIS A 57 -0.57 -11.10 29.84
C HIS A 57 -1.46 -10.44 30.88
N GLY A 58 -1.19 -9.17 31.16
CA GLY A 58 -2.01 -8.40 32.10
C GLY A 58 -3.44 -8.14 31.62
N GLY A 182 -11.26 -19.48 10.74
CA GLY A 182 -10.12 -20.14 10.17
C GLY A 182 -8.82 -19.35 10.27
N ILE A 183 -8.86 -18.24 11.00
CA ILE A 183 -7.64 -17.48 11.31
C ILE A 183 -7.93 -16.61 12.52
N ILE A 184 -7.07 -16.67 13.53
CA ILE A 184 -7.29 -15.95 14.77
C ILE A 184 -6.10 -15.03 14.96
N GLU A 185 -6.34 -13.74 14.97
CA GLU A 185 -5.35 -12.75 15.35
C GLU A 185 -5.47 -12.50 16.85
N TYR A 186 -4.42 -12.82 17.61
CA TYR A 186 -4.37 -12.50 19.02
C TYR A 186 -3.53 -11.25 19.22
N PRO A 187 -4.13 -10.11 19.60
CA PRO A 187 -3.32 -8.93 19.91
C PRO A 187 -2.71 -9.02 21.30
N PHE A 188 -1.41 -8.84 21.35
CA PHE A 188 -0.67 -8.66 22.60
C PHE A 188 -0.01 -7.28 22.62
N ASP A 189 0.08 -6.69 23.81
CA ASP A 189 0.63 -5.35 23.97
C ASP A 189 1.60 -5.32 25.14
N LEU A 190 2.90 -5.34 24.83
CA LEU A 190 3.94 -5.47 25.84
C LEU A 190 4.81 -4.22 25.79
N GLN A 191 4.95 -3.54 26.92
CA GLN A 191 5.93 -2.50 27.11
C GLN A 191 5.81 -1.43 26.01
N SER A 192 4.58 -1.01 25.76
CA SER A 192 4.17 -0.05 24.76
C SER A 192 4.33 -0.54 23.32
N VAL A 193 4.73 -1.78 23.11
CA VAL A 193 4.82 -2.39 21.79
C VAL A 193 3.73 -3.44 21.67
N ILE A 194 3.08 -3.47 20.51
CA ILE A 194 1.93 -4.34 20.24
C ILE A 194 2.37 -5.49 19.31
N PHE A 195 2.03 -6.71 19.69
CA PHE A 195 2.43 -7.91 18.96
C PHE A 195 1.20 -8.60 18.40
N ARG A 196 1.18 -8.84 17.10
CA ARG A 196 0.03 -9.37 16.38
C ARG A 196 0.36 -10.80 16.02
N MET A 197 0.04 -11.71 16.95
CA MET A 197 0.42 -13.12 16.86
C MET A 197 -0.63 -13.83 16.01
N VAL A 198 -0.27 -14.13 14.78
CA VAL A 198 -1.19 -14.72 13.82
C VAL A 198 -1.13 -16.24 13.93
N ASP A 199 -2.16 -16.83 14.51
CA ASP A 199 -2.40 -18.26 14.37
C ASP A 199 -3.27 -18.47 13.12
N VAL A 200 -2.72 -19.15 12.11
CA VAL A 200 -3.45 -19.38 10.86
C VAL A 200 -4.45 -20.50 10.97
N GLY A 201 -4.58 -21.10 12.13
CA GLY A 201 -5.60 -22.07 12.50
C GLY A 201 -5.64 -23.31 11.61
N ALA A 202 -6.81 -23.93 11.59
CA ALA A 202 -7.09 -25.09 10.72
C ALA A 202 -7.39 -24.59 9.30
N GLN A 203 -6.31 -24.32 8.55
CA GLN A 203 -6.36 -24.16 7.10
C GLN A 203 -6.23 -25.56 6.46
N ARG A 204 -7.30 -25.89 5.72
CA ARG A 204 -7.31 -27.09 4.87
C ARG A 204 -6.99 -26.48 3.52
N SER A 205 -5.72 -26.23 3.24
CA SER A 205 -5.27 -25.49 2.06
C SER A 205 -3.79 -25.74 1.87
N GLU A 206 -3.32 -25.56 0.64
CA GLU A 206 -1.91 -25.79 0.30
C GLU A 206 -1.14 -24.50 0.58
N ARG A 207 -0.35 -24.53 1.67
CA ARG A 207 0.18 -23.30 2.26
C ARG A 207 1.06 -22.49 1.28
N ARG A 208 1.74 -23.18 0.35
CA ARG A 208 2.46 -22.49 -0.72
C ARG A 208 1.63 -21.43 -1.44
N LYS A 209 0.31 -21.54 -1.39
CA LYS A 209 -0.56 -20.60 -2.10
C LYS A 209 -0.97 -19.39 -1.27
N TRP A 210 -0.78 -19.44 0.05
CA TRP A 210 -1.09 -18.32 0.91
C TRP A 210 -0.02 -17.94 1.93
N ILE A 211 1.03 -18.74 2.11
CA ILE A 211 2.08 -18.43 3.07
C ILE A 211 2.82 -17.15 2.71
N HIS A 212 2.80 -16.75 1.43
CA HIS A 212 3.38 -15.48 1.06
C HIS A 212 2.58 -14.29 1.58
N CYS A 213 1.37 -14.49 2.11
CA CYS A 213 0.75 -13.39 2.84
C CYS A 213 1.63 -12.91 3.99
N PHE A 214 2.39 -13.82 4.61
CA PHE A 214 3.21 -13.54 5.79
C PHE A 214 4.66 -13.20 5.44
N GLU A 215 4.94 -12.91 4.16
CA GLU A 215 6.27 -12.48 3.75
C GLU A 215 6.80 -11.30 4.58
N ASN A 216 5.93 -10.51 5.18
CA ASN A 216 6.32 -9.31 5.90
C ASN A 216 6.49 -9.51 7.40
N VAL A 217 6.24 -10.70 7.92
CA VAL A 217 6.22 -10.89 9.37
C VAL A 217 7.65 -10.82 9.89
N THR A 218 7.79 -10.35 11.13
CA THR A 218 9.11 -10.26 11.75
C THR A 218 9.60 -11.63 12.20
N SER A 219 8.71 -12.54 12.61
CA SER A 219 9.13 -13.90 12.92
C SER A 219 8.02 -14.91 12.65
N ILE A 220 8.45 -16.10 12.27
CA ILE A 220 7.66 -17.31 12.49
C ILE A 220 7.88 -17.78 13.93
N MET A 221 6.80 -17.93 14.68
CA MET A 221 6.82 -18.70 15.91
C MET A 221 6.44 -20.15 15.59
N PHE A 222 7.35 -21.08 15.84
CA PHE A 222 7.14 -22.49 15.56
C PHE A 222 7.04 -23.21 16.88
N LEU A 223 5.89 -23.86 17.14
CA LEU A 223 5.77 -24.71 18.31
C LEU A 223 6.09 -26.15 17.93
N VAL A 224 6.96 -26.78 18.71
CA VAL A 224 7.16 -28.21 18.65
C VAL A 224 7.02 -28.74 20.07
N ALA A 225 6.25 -29.80 20.23
CA ALA A 225 6.16 -30.46 21.53
C ALA A 225 7.27 -31.51 21.63
N LEU A 226 8.07 -31.42 22.68
CA LEU A 226 9.14 -32.36 22.92
C LEU A 226 8.64 -33.75 23.27
N SER A 227 7.37 -33.90 23.62
CA SER A 227 6.76 -35.23 23.74
C SER A 227 6.58 -35.94 22.40
N GLU A 228 6.56 -35.20 21.30
CA GLU A 228 6.25 -35.80 20.01
C GLU A 228 7.25 -36.88 19.56
N TYR A 229 8.43 -37.01 20.17
CA TYR A 229 9.41 -37.97 19.67
C TYR A 229 8.94 -39.40 19.87
N ASP A 230 8.21 -39.67 20.96
CA ASP A 230 7.68 -41.00 21.19
C ASP A 230 6.41 -41.31 20.40
N GLN A 231 5.73 -40.25 20.01
CA GLN A 231 4.47 -40.43 19.29
C GLN A 231 4.75 -40.70 17.81
N VAL A 232 4.11 -41.70 17.24
CA VAL A 232 4.19 -41.94 15.78
C VAL A 232 2.81 -41.52 15.29
N LEU A 233 2.63 -41.28 14.00
CA LEU A 233 1.33 -40.75 13.54
C LEU A 233 0.31 -41.87 13.60
N VAL A 234 -0.40 -42.02 14.72
CA VAL A 234 -1.33 -43.17 14.89
C VAL A 234 -2.37 -43.16 13.77
N GLU A 235 -2.87 -41.98 13.41
CA GLU A 235 -3.89 -41.85 12.36
C GLU A 235 -3.35 -42.43 11.05
N SER A 236 -2.13 -42.08 10.67
CA SER A 236 -1.62 -42.52 9.34
C SER A 236 -0.18 -43.01 9.42
N ASP A 237 0.05 -44.30 9.15
CA ASP A 237 1.42 -44.86 9.10
C ASP A 237 2.05 -44.89 10.49
N ASN A 238 3.37 -44.72 10.55
CA ASN A 238 4.09 -44.76 11.84
C ASN A 238 5.24 -43.76 11.77
N GLU A 239 5.03 -42.62 11.09
CA GLU A 239 6.13 -41.65 10.91
C GLU A 239 6.24 -40.86 12.20
N ASN A 240 7.46 -40.45 12.59
CA ASN A 240 7.59 -39.81 13.92
C ASN A 240 6.82 -38.50 13.92
N ARG A 241 6.18 -38.18 15.02
CA ARG A 241 5.53 -36.86 15.09
C ARG A 241 6.61 -35.79 15.06
N MET A 242 7.82 -36.09 15.53
CA MET A 242 8.91 -35.10 15.41
C MET A 242 9.39 -35.01 13.95
N GLU A 243 9.40 -36.08 13.15
CA GLU A 243 9.90 -35.95 11.79
C GLU A 243 8.94 -35.13 10.91
N GLU A 244 7.63 -35.22 11.12
CA GLU A 244 6.71 -34.30 10.43
C GLU A 244 6.95 -32.85 10.83
N SER A 245 7.13 -32.57 12.12
CA SER A 245 7.50 -31.25 12.61
C SER A 245 8.81 -30.76 12.01
N LYS A 246 9.77 -31.65 11.88
CA LYS A 246 11.01 -31.32 11.16
C LYS A 246 10.76 -30.97 9.71
N ALA A 247 9.87 -31.70 9.04
CA ALA A 247 9.59 -31.46 7.63
C ALA A 247 8.88 -30.13 7.42
N LEU A 248 7.96 -29.78 8.31
CA LEU A 248 7.30 -28.47 8.33
C LEU A 248 8.30 -27.34 8.67
N PHE A 249 9.18 -27.55 9.64
CA PHE A 249 10.19 -26.54 9.94
C PHE A 249 11.09 -26.30 8.75
N ARG A 250 11.58 -27.38 8.12
CA ARG A 250 12.40 -27.24 6.93
C ARG A 250 11.70 -26.47 5.81
N THR A 251 10.46 -26.84 5.51
CA THR A 251 9.73 -26.18 4.43
C THR A 251 9.44 -24.71 4.74
N ILE A 252 9.05 -24.39 5.97
CA ILE A 252 8.84 -22.98 6.32
C ILE A 252 10.14 -22.20 6.23
N ILE A 253 11.21 -22.73 6.81
CA ILE A 253 12.46 -22.02 6.85
C ILE A 253 13.10 -21.87 5.46
N THR A 254 12.69 -22.69 4.49
CA THR A 254 13.27 -22.63 3.16
C THR A 254 12.40 -21.90 2.15
N TYR A 255 11.13 -21.61 2.46
CA TYR A 255 10.33 -20.76 1.57
C TYR A 255 11.03 -19.42 1.40
N PRO A 256 11.06 -18.87 0.17
CA PRO A 256 11.83 -17.63 -0.08
C PRO A 256 11.26 -16.40 0.61
N TRP A 257 9.99 -16.45 1.00
CA TRP A 257 9.36 -15.36 1.72
C TRP A 257 10.03 -15.10 3.04
N PHE A 258 10.57 -16.13 3.69
CA PHE A 258 11.05 -16.05 5.07
C PHE A 258 12.57 -15.93 5.14
N GLN A 259 13.17 -15.31 4.13
CA GLN A 259 14.58 -14.98 4.20
C GLN A 259 14.85 -13.84 5.17
N ASN A 260 13.95 -12.85 5.25
CA ASN A 260 14.11 -11.74 6.16
C ASN A 260 13.52 -12.02 7.54
N SER A 261 12.48 -12.85 7.65
CA SER A 261 11.98 -13.23 8.97
C SER A 261 12.98 -14.16 9.65
N SER A 262 13.09 -14.01 10.98
CA SER A 262 13.74 -15.05 11.79
C SER A 262 12.76 -16.23 11.99
N VAL A 263 13.22 -17.22 12.75
CA VAL A 263 12.33 -18.23 13.32
C VAL A 263 12.48 -18.27 14.84
N ILE A 264 11.35 -18.24 15.55
CA ILE A 264 11.33 -18.47 16.99
C ILE A 264 10.75 -19.85 17.20
N LEU A 265 11.53 -20.71 17.83
CA LEU A 265 11.13 -22.11 17.99
C LEU A 265 10.85 -22.40 19.46
N PHE A 266 9.55 -22.45 19.82
CA PHE A 266 9.14 -22.86 21.16
C PHE A 266 9.06 -24.39 21.20
N LEU A 267 9.98 -25.00 21.97
CA LEU A 267 9.96 -26.45 22.23
C LEU A 267 9.16 -26.72 23.49
N ASN A 268 7.85 -26.84 23.32
CA ASN A 268 6.86 -26.93 24.38
C ASN A 268 6.84 -28.35 24.98
N LYS A 269 6.19 -28.45 26.14
CA LYS A 269 5.96 -29.73 26.81
C LYS A 269 7.26 -30.44 27.19
N LYS A 270 8.23 -29.65 27.67
CA LYS A 270 9.46 -30.27 28.14
C LYS A 270 9.19 -31.25 29.28
N ASP A 271 8.16 -30.98 30.11
CA ASP A 271 7.82 -31.87 31.21
C ASP A 271 7.28 -33.21 30.71
N LEU A 272 6.62 -33.24 29.55
CA LEU A 272 6.21 -34.55 29.04
C LEU A 272 7.41 -35.33 28.52
N LEU A 273 8.42 -34.64 28.00
CA LEU A 273 9.70 -35.26 27.64
C LEU A 273 10.43 -35.77 28.88
N GLU A 274 10.35 -35.00 29.98
CA GLU A 274 10.87 -35.39 31.30
C GLU A 274 10.14 -36.59 31.89
N GLU A 275 8.94 -36.86 31.42
CA GLU A 275 8.29 -38.13 31.74
C GLU A 275 8.73 -39.24 30.79
N LYS A 276 8.56 -39.00 29.49
CA LYS A 276 8.80 -40.04 28.49
C LYS A 276 10.22 -40.60 28.59
N ILE A 277 11.21 -39.79 28.87
CA ILE A 277 12.59 -40.30 28.92
C ILE A 277 12.71 -41.44 29.91
N MET A 278 11.84 -41.50 30.94
CA MET A 278 11.88 -42.59 31.89
C MET A 278 11.27 -43.86 31.34
N TYR A 279 10.57 -43.80 30.20
CA TYR A 279 9.76 -44.86 29.68
C TYR A 279 10.11 -45.24 28.24
N SER A 280 10.64 -44.29 27.45
CA SER A 280 10.87 -44.48 26.01
C SER A 280 12.17 -43.76 25.68
N HIS A 281 13.21 -44.53 25.44
CA HIS A 281 14.54 -43.95 25.24
C HIS A 281 14.69 -43.37 23.85
N LEU A 282 15.34 -42.21 23.79
CA LEU A 282 15.40 -41.41 22.58
C LEU A 282 16.30 -42.04 21.52
N VAL A 283 17.30 -42.83 21.95
CA VAL A 283 18.22 -43.47 21.01
C VAL A 283 17.46 -44.42 20.10
N ASP A 284 16.41 -45.04 20.64
CA ASP A 284 15.60 -45.96 19.83
C ASP A 284 14.91 -45.26 18.67
N TYR A 285 14.57 -43.99 18.81
CA TYR A 285 13.89 -43.28 17.74
C TYR A 285 14.80 -42.42 16.87
N PHE A 286 15.91 -41.94 17.39
CA PHE A 286 16.87 -41.20 16.57
C PHE A 286 18.28 -41.72 16.87
N PRO A 287 18.84 -42.57 15.99
CA PRO A 287 20.12 -43.23 16.32
C PRO A 287 21.29 -42.26 16.39
N GLU A 288 21.13 -41.05 15.85
CA GLU A 288 22.17 -40.01 15.87
C GLU A 288 22.41 -39.41 17.26
N TYR A 289 21.54 -39.70 18.24
CA TYR A 289 21.73 -39.19 19.59
C TYR A 289 22.93 -39.88 20.22
N ASP A 290 24.00 -39.12 20.39
CA ASP A 290 25.20 -39.58 21.05
C ASP A 290 25.16 -39.44 22.56
N GLY A 291 24.24 -38.61 23.09
CA GLY A 291 24.27 -38.29 24.49
C GLY A 291 23.75 -39.42 25.34
N PRO A 292 23.78 -39.20 26.66
CA PRO A 292 23.32 -40.22 27.60
C PRO A 292 21.82 -40.47 27.46
N GLN A 293 21.41 -41.68 27.85
CA GLN A 293 20.00 -42.05 27.87
C GLN A 293 19.29 -41.55 29.14
N ARG A 294 20.04 -41.14 30.18
CA ARG A 294 19.39 -40.73 31.41
C ARG A 294 18.94 -39.29 31.38
N ASP A 295 19.62 -38.41 30.64
CA ASP A 295 19.57 -36.98 30.90
C ASP A 295 18.58 -36.32 29.98
N ALA A 296 17.68 -35.53 30.58
CA ALA A 296 16.73 -34.69 29.86
C ALA A 296 17.47 -33.58 29.13
N GLN A 297 18.42 -32.95 29.79
CA GLN A 297 19.13 -31.84 29.19
C GLN A 297 19.83 -32.25 27.90
N ALA A 298 20.54 -33.37 27.93
CA ALA A 298 21.23 -33.79 26.73
C ALA A 298 20.26 -34.12 25.61
N ALA A 299 19.09 -34.67 25.94
CA ALA A 299 18.10 -34.99 24.91
C ALA A 299 17.49 -33.74 24.30
N ARG A 300 17.07 -32.77 25.12
CA ARG A 300 16.49 -31.55 24.56
C ARG A 300 17.53 -30.66 23.87
N GLU A 301 18.79 -30.73 24.33
CA GLU A 301 19.90 -30.15 23.58
C GLU A 301 20.02 -30.81 22.22
N PHE A 302 19.86 -32.14 22.17
CA PHE A 302 19.93 -32.87 20.91
C PHE A 302 18.78 -32.50 19.99
N ILE A 303 17.57 -32.36 20.53
CA ILE A 303 16.42 -31.96 19.73
C ILE A 303 16.64 -30.54 19.16
N LEU A 304 17.12 -29.61 20.01
CA LEU A 304 17.45 -28.29 19.50
C LEU A 304 18.52 -28.36 18.41
N LYS A 305 19.55 -29.18 18.60
CA LYS A 305 20.55 -29.33 17.55
C LYS A 305 19.94 -29.87 16.26
N MET A 306 19.10 -30.90 16.37
CA MET A 306 18.46 -31.53 15.23
C MET A 306 17.51 -30.59 14.47
N PHE A 307 16.99 -29.56 15.13
CA PHE A 307 16.26 -28.49 14.46
C PHE A 307 17.13 -27.37 13.91
N VAL A 308 18.11 -26.89 14.68
CA VAL A 308 18.99 -25.83 14.20
C VAL A 308 19.82 -26.29 12.99
N ASP A 309 20.21 -27.56 12.93
CA ASP A 309 20.89 -28.11 11.74
C ASP A 309 20.10 -27.95 10.46
N LEU A 310 18.76 -27.78 10.55
CA LEU A 310 17.96 -27.77 9.33
C LEU A 310 18.11 -26.47 8.54
N ASN A 311 18.55 -25.39 9.18
CA ASN A 311 18.65 -24.11 8.51
C ASN A 311 19.87 -24.06 7.61
N PRO A 312 19.73 -23.96 6.29
CA PRO A 312 20.91 -23.67 5.47
C PRO A 312 21.29 -22.21 5.47
N ASP A 313 20.36 -21.30 5.77
CA ASP A 313 20.56 -19.86 5.72
C ASP A 313 21.19 -19.38 7.02
N SER A 314 22.47 -19.75 7.17
CA SER A 314 23.13 -19.59 8.46
C SER A 314 23.20 -18.14 8.94
N ASP A 315 22.89 -17.15 8.10
CA ASP A 315 22.70 -15.78 8.55
C ASP A 315 21.36 -15.63 9.29
N LYS A 316 20.40 -16.52 9.03
CA LYS A 316 19.08 -16.46 9.67
C LYS A 316 19.19 -17.03 11.08
N ILE A 317 19.06 -16.18 12.10
CA ILE A 317 19.14 -16.65 13.48
C ILE A 317 17.84 -17.34 13.83
N ILE A 318 17.92 -18.63 14.12
CA ILE A 318 16.87 -19.31 14.87
C ILE A 318 17.01 -19.02 16.36
N TYR A 319 15.92 -18.54 16.95
CA TYR A 319 15.81 -18.41 18.39
C TYR A 319 14.96 -19.55 18.92
N SER A 320 15.34 -20.12 20.06
CA SER A 320 14.59 -21.25 20.62
C SER A 320 14.41 -21.13 22.13
N HIS A 321 13.22 -21.50 22.62
CA HIS A 321 12.95 -21.54 24.04
C HIS A 321 12.35 -22.87 24.47
N PHE A 322 12.74 -23.33 25.66
CA PHE A 322 12.10 -24.48 26.27
C PHE A 322 11.08 -23.96 27.28
N THR A 323 9.84 -24.38 27.12
CA THR A 323 8.72 -23.83 27.87
C THR A 323 7.80 -24.95 28.33
N CYS A 324 6.89 -24.58 29.22
CA CYS A 324 5.82 -25.45 29.71
C CYS A 324 4.58 -24.59 29.87
N SER A 325 3.41 -25.23 29.88
CA SER A 325 2.17 -24.50 30.17
C SER A 325 2.17 -23.84 31.54
N THR A 326 3.11 -24.16 32.41
CA THR A 326 3.33 -23.47 33.68
C THR A 326 4.02 -22.12 33.56
N ASP A 327 4.74 -21.85 32.46
CA ASP A 327 5.75 -20.79 32.43
C ASP A 327 5.20 -19.51 31.79
N THR A 328 5.06 -18.47 32.63
CA THR A 328 4.54 -17.14 32.23
C THR A 328 5.55 -16.29 31.45
N GLU A 329 6.83 -16.66 31.50
CA GLU A 329 7.92 -15.88 30.92
C GLU A 329 7.90 -15.88 29.38
N ASN A 330 7.14 -16.76 28.74
CA ASN A 330 7.15 -16.93 27.29
C ASN A 330 6.86 -15.65 26.53
N ILE A 331 6.00 -14.78 27.06
CA ILE A 331 5.71 -13.51 26.39
C ILE A 331 6.90 -12.54 26.48
N ARG A 332 7.66 -12.58 27.57
CA ARG A 332 8.92 -11.84 27.68
C ARG A 332 9.95 -12.37 26.73
N PHE A 333 10.04 -13.70 26.58
CA PHE A 333 10.94 -14.28 25.61
C PHE A 333 10.58 -13.86 24.18
N VAL A 334 9.29 -13.87 23.85
CA VAL A 334 8.83 -13.38 22.55
C VAL A 334 9.24 -11.92 22.35
N PHE A 335 8.96 -11.09 23.34
CA PHE A 335 9.35 -9.68 23.27
C PHE A 335 10.82 -9.53 22.96
N ALA A 336 11.66 -10.26 23.69
CA ALA A 336 13.09 -10.06 23.56
C ALA A 336 13.69 -10.70 22.30
N ALA A 337 13.15 -11.84 21.86
CA ALA A 337 13.53 -12.41 20.56
C ALA A 337 13.13 -11.51 19.40
N VAL A 338 11.93 -10.92 19.45
CA VAL A 338 11.56 -9.98 18.39
C VAL A 338 12.41 -8.72 18.44
N LYS A 339 12.71 -8.22 19.64
CA LYS A 339 13.72 -7.17 19.84
C LYS A 339 15.06 -7.50 19.21
N ASP A 340 15.52 -8.74 19.35
CA ASP A 340 16.78 -9.11 18.70
C ASP A 340 16.65 -9.19 17.17
N THR A 341 15.51 -9.70 16.66
CA THR A 341 15.31 -9.69 15.21
C THR A 341 15.35 -8.27 14.66
N ILE A 342 14.70 -7.33 15.35
CA ILE A 342 14.66 -5.94 14.91
C ILE A 342 16.02 -5.29 15.05
N LEU A 343 16.81 -5.68 16.06
CA LEU A 343 18.18 -5.24 16.10
C LEU A 343 19.00 -5.73 14.90
N GLN A 344 18.86 -7.01 14.53
CA GLN A 344 19.53 -7.53 13.33
C GLN A 344 19.09 -6.77 12.07
N LEU A 345 17.79 -6.61 11.88
CA LEU A 345 17.30 -5.87 10.73
C LEU A 345 17.82 -4.43 10.75
N ASN A 346 17.80 -3.77 11.90
CA ASN A 346 18.34 -2.42 11.93
C ASN A 346 19.83 -2.38 11.67
N LEU A 347 20.56 -3.45 11.98
CA LEU A 347 21.96 -3.59 11.56
C LEU A 347 22.11 -3.64 10.04
N LYS A 348 21.26 -4.43 9.38
CA LYS A 348 21.29 -4.50 7.91
C LYS A 348 20.85 -3.18 7.27
N GLU A 349 19.75 -2.61 7.75
CA GLU A 349 19.17 -1.41 7.15
C GLU A 349 20.04 -0.18 7.33
N TYR A 350 20.85 -0.14 8.39
CA TYR A 350 21.66 1.03 8.73
C TYR A 350 23.13 0.89 8.36
N ASN A 351 23.45 -0.01 7.43
CA ASN A 351 24.81 -0.20 6.88
C ASN A 351 25.82 -0.59 7.94
N LEU A 352 25.39 -1.34 8.96
CA LEU A 352 26.30 -1.93 9.95
C LEU A 352 26.43 -3.40 9.53
N VAL A 353 27.22 -3.63 8.49
CA VAL A 353 27.46 -4.94 7.93
C VAL A 353 26.14 -5.63 7.63
N SER B 13 -17.62 -51.00 -7.00
CA SER B 13 -17.13 -52.33 -7.35
C SER B 13 -15.74 -52.57 -6.79
N GLU B 14 -14.71 -52.25 -7.59
CA GLU B 14 -13.35 -52.37 -7.11
C GLU B 14 -12.49 -51.44 -7.92
N LEU B 15 -11.31 -51.09 -7.35
CA LEU B 15 -10.40 -50.17 -8.04
C LEU B 15 -9.80 -50.81 -9.29
N ASP B 16 -9.77 -52.12 -9.33
CA ASP B 16 -9.40 -52.87 -10.51
C ASP B 16 -10.48 -52.85 -11.59
N GLN B 17 -11.61 -52.18 -11.29
CA GLN B 17 -12.65 -51.89 -12.29
C GLN B 17 -12.80 -50.39 -12.50
N LEU B 18 -13.31 -49.64 -11.51
CA LEU B 18 -13.66 -48.24 -11.67
C LEU B 18 -12.46 -47.37 -12.05
N ARG B 19 -11.35 -47.51 -11.35
CA ARG B 19 -10.16 -46.76 -11.69
C ARG B 19 -9.43 -47.29 -12.93
N GLN B 20 -10.02 -48.22 -13.68
CA GLN B 20 -9.56 -48.56 -15.03
C GLN B 20 -10.51 -48.06 -16.10
N GLU B 21 -11.80 -48.11 -15.81
CA GLU B 21 -12.77 -47.41 -16.63
C GLU B 21 -12.47 -45.91 -16.70
N ALA B 22 -12.07 -45.34 -15.58
CA ALA B 22 -11.62 -43.94 -15.58
C ALA B 22 -10.49 -43.72 -16.57
N GLU B 23 -9.50 -44.63 -16.56
CA GLU B 23 -8.42 -44.55 -17.53
C GLU B 23 -8.90 -44.72 -18.98
N GLN B 24 -9.79 -45.69 -19.22
CA GLN B 24 -10.33 -45.85 -20.57
C GLN B 24 -11.09 -44.62 -21.07
N LEU B 25 -11.90 -44.01 -20.20
CA LEU B 25 -12.62 -42.80 -20.54
C LEU B 25 -11.69 -41.62 -20.75
N LYS B 26 -10.65 -41.45 -19.91
CA LYS B 26 -9.64 -40.44 -20.14
C LYS B 26 -8.94 -40.64 -21.49
N ASN B 27 -8.64 -41.89 -21.83
CA ASN B 27 -8.03 -42.16 -23.13
C ASN B 27 -8.98 -41.87 -24.28
N GLN B 28 -10.26 -42.20 -24.10
CA GLN B 28 -11.29 -41.89 -25.10
C GLN B 28 -11.44 -40.38 -25.27
N ILE B 29 -11.42 -39.63 -24.16
CA ILE B 29 -11.44 -38.16 -24.22
C ILE B 29 -10.25 -37.62 -24.97
N ARG B 30 -9.05 -38.07 -24.61
CA ARG B 30 -7.87 -37.62 -25.34
C ARG B 30 -7.91 -37.97 -26.83
N ASP B 31 -8.40 -39.16 -27.16
CA ASP B 31 -8.55 -39.56 -28.56
C ASP B 31 -9.55 -38.68 -29.28
N ALA B 32 -10.70 -38.41 -28.65
CA ALA B 32 -11.68 -37.49 -29.21
C ALA B 32 -11.11 -36.09 -29.41
N ARG B 33 -10.32 -35.61 -28.44
CA ARG B 33 -9.61 -34.34 -28.63
C ARG B 33 -8.66 -34.39 -29.83
N LYS B 34 -7.76 -35.38 -29.85
CA LYS B 34 -6.79 -35.43 -30.95
C LYS B 34 -7.47 -35.57 -32.31
N ALA B 35 -8.64 -36.26 -32.36
CA ALA B 35 -9.48 -36.26 -33.56
C ALA B 35 -10.04 -34.88 -33.86
N CYS B 36 -10.27 -34.07 -32.82
CA CYS B 36 -10.71 -32.70 -33.03
C CYS B 36 -9.58 -31.75 -33.41
N ALA B 37 -8.32 -32.16 -33.25
CA ALA B 37 -7.18 -31.30 -33.54
C ALA B 37 -6.94 -31.16 -35.04
N ASP B 38 -7.96 -30.68 -35.75
CA ASP B 38 -7.85 -30.50 -37.20
C ASP B 38 -6.60 -29.70 -37.60
N ALA B 39 -6.39 -28.58 -36.92
CA ALA B 39 -5.27 -27.69 -37.21
C ALA B 39 -5.14 -26.75 -36.01
N THR B 40 -3.91 -26.58 -35.53
CA THR B 40 -3.67 -25.64 -34.44
C THR B 40 -4.05 -24.22 -34.83
N LEU B 41 -4.38 -23.43 -33.81
CA LEU B 41 -4.66 -21.99 -34.00
C LEU B 41 -3.53 -21.29 -34.76
N SER B 42 -2.27 -21.57 -34.40
CA SER B 42 -1.14 -20.94 -35.06
C SER B 42 -1.07 -21.21 -36.56
N GLN B 43 -1.68 -22.30 -37.05
CA GLN B 43 -1.75 -22.49 -38.50
C GLN B 43 -2.84 -21.66 -39.14
N ILE B 44 -3.98 -21.52 -38.49
CA ILE B 44 -5.09 -20.81 -39.08
C ILE B 44 -4.85 -19.31 -39.03
N THR B 45 -4.16 -18.82 -37.99
CA THR B 45 -3.85 -17.40 -37.88
C THR B 45 -2.48 -17.04 -38.46
N ASN B 46 -1.78 -17.97 -39.10
CA ASN B 46 -0.54 -17.66 -39.79
C ASN B 46 -0.74 -16.61 -40.89
N ASN B 47 -1.94 -16.56 -41.46
CA ASN B 47 -2.33 -15.55 -42.43
C ASN B 47 -2.93 -14.31 -41.79
N ILE B 48 -3.14 -14.26 -40.49
CA ILE B 48 -3.67 -13.07 -39.85
C ILE B 48 -2.53 -12.06 -39.66
N ASP B 49 -2.77 -10.82 -40.07
CA ASP B 49 -1.77 -9.77 -39.88
C ASP B 49 -1.58 -9.49 -38.38
N PRO B 50 -0.34 -9.35 -37.93
CA PRO B 50 -0.07 -9.20 -36.51
C PRO B 50 -0.58 -7.86 -35.99
N VAL B 51 -0.69 -7.79 -34.67
CA VAL B 51 -1.10 -6.56 -34.00
C VAL B 51 0.03 -5.55 -33.83
N GLY B 52 1.24 -5.87 -34.26
CA GLY B 52 2.44 -5.01 -34.06
C GLY B 52 2.84 -4.84 -32.60
N ARG B 53 3.52 -3.73 -32.31
CA ARG B 53 3.73 -3.31 -30.91
C ARG B 53 2.48 -2.64 -30.35
N ILE B 54 1.96 -3.18 -29.26
CA ILE B 54 0.93 -2.49 -28.44
C ILE B 54 1.70 -1.70 -27.39
N GLN B 55 2.13 -0.50 -27.78
CA GLN B 55 2.67 0.44 -26.81
C GLN B 55 1.58 1.08 -25.98
N MET B 56 1.76 1.08 -24.67
CA MET B 56 0.80 1.65 -23.75
C MET B 56 1.55 2.43 -22.68
N ARG B 57 0.89 3.47 -22.15
CA ARG B 57 1.48 4.35 -21.18
C ARG B 57 0.67 4.28 -19.90
N THR B 58 1.35 4.40 -18.76
CA THR B 58 0.71 4.62 -17.47
C THR B 58 -0.03 5.96 -17.46
N ARG B 59 -1.36 5.90 -17.60
CA ARG B 59 -2.16 7.11 -17.53
C ARG B 59 -2.46 7.52 -16.09
N ARG B 60 -2.54 6.56 -15.19
CA ARG B 60 -2.78 6.82 -13.77
C ARG B 60 -1.93 5.91 -12.89
N THR B 61 -1.53 6.44 -11.75
CA THR B 61 -0.87 5.68 -10.68
C THR B 61 -1.65 5.94 -9.38
N LEU B 62 -2.53 5.00 -9.06
CA LEU B 62 -3.34 5.12 -7.84
C LEU B 62 -2.50 4.77 -6.63
N ARG B 63 -2.15 5.79 -5.86
CA ARG B 63 -1.28 5.73 -4.69
C ARG B 63 -2.13 5.94 -3.44
N GLY B 64 -1.94 5.08 -2.43
CA GLY B 64 -2.68 5.17 -1.19
C GLY B 64 -2.88 3.85 -0.47
N HIS B 65 -2.79 2.76 -1.22
CA HIS B 65 -2.53 1.48 -0.56
C HIS B 65 -1.11 1.46 0.01
N LEU B 66 -0.98 0.80 1.17
CA LEU B 66 0.28 0.77 1.93
C LEU B 66 0.91 -0.62 2.03
N ALA B 67 0.16 -1.68 1.74
CA ALA B 67 0.65 -3.05 1.68
C ALA B 67 0.39 -3.62 0.30
N LYS B 68 0.66 -4.91 0.16
CA LYS B 68 0.55 -5.59 -1.14
C LYS B 68 -0.90 -5.57 -1.63
N ILE B 69 -1.10 -5.04 -2.83
CA ILE B 69 -2.41 -5.19 -3.46
C ILE B 69 -2.56 -6.64 -3.94
N TYR B 70 -3.67 -7.30 -3.56
CA TYR B 70 -3.84 -8.72 -3.85
C TYR B 70 -4.86 -9.00 -4.92
N ALA B 71 -5.89 -8.15 -5.04
CA ALA B 71 -6.91 -8.38 -6.05
C ALA B 71 -7.53 -7.04 -6.39
N MET B 72 -8.13 -7.00 -7.58
CA MET B 72 -8.87 -5.83 -7.99
C MET B 72 -10.13 -6.28 -8.74
N HIS B 73 -11.07 -5.39 -8.87
CA HIS B 73 -12.17 -5.61 -9.81
C HIS B 73 -12.71 -4.28 -10.32
N TRP B 74 -12.78 -4.16 -11.64
CA TRP B 74 -13.52 -3.07 -12.26
C TRP B 74 -15.02 -3.22 -12.08
N GLY B 75 -15.70 -2.11 -11.76
CA GLY B 75 -17.13 -2.06 -11.89
C GLY B 75 -17.57 -1.99 -13.35
N THR B 76 -18.84 -2.32 -13.56
CA THR B 76 -19.36 -2.37 -14.92
C THR B 76 -19.31 -1.00 -15.59
N ASP B 77 -19.44 0.07 -14.81
CA ASP B 77 -19.30 1.42 -15.34
C ASP B 77 -17.91 1.68 -15.94
N SER B 78 -16.96 0.75 -15.74
CA SER B 78 -15.62 0.83 -16.31
C SER B 78 -14.87 2.04 -15.80
N ARG B 79 -15.22 2.51 -14.59
CA ARG B 79 -14.64 3.73 -14.07
C ARG B 79 -14.22 3.55 -12.62
N LEU B 80 -15.12 2.96 -11.81
CA LEU B 80 -14.81 2.61 -10.45
C LEU B 80 -14.14 1.25 -10.39
N LEU B 81 -13.12 1.14 -9.55
CA LEU B 81 -12.58 -0.16 -9.21
C LEU B 81 -12.29 -0.26 -7.72
N VAL B 82 -12.63 -1.40 -7.16
CA VAL B 82 -12.22 -1.76 -5.81
C VAL B 82 -10.87 -2.49 -5.90
N SER B 83 -10.12 -2.37 -4.82
CA SER B 83 -8.87 -3.09 -4.69
C SER B 83 -8.60 -3.37 -3.23
N ALA B 84 -8.02 -4.55 -2.99
CA ALA B 84 -7.82 -5.06 -1.64
C ALA B 84 -6.31 -5.13 -1.40
N SER B 85 -5.90 -4.67 -0.22
CA SER B 85 -4.53 -4.71 0.25
C SER B 85 -4.52 -5.25 1.68
N GLN B 86 -3.39 -5.88 2.06
CA GLN B 86 -3.23 -6.44 3.40
C GLN B 86 -3.00 -5.38 4.51
N ASP B 87 -3.24 -4.12 4.24
CA ASP B 87 -3.47 -3.14 5.30
C ASP B 87 -4.88 -3.25 5.87
N GLY B 88 -5.72 -4.08 5.26
CA GLY B 88 -7.07 -4.28 5.76
C GLY B 88 -8.06 -3.30 5.19
N LYS B 89 -7.79 -2.76 4.01
CA LYS B 89 -8.69 -1.83 3.34
C LYS B 89 -9.11 -2.37 1.98
N LEU B 90 -10.39 -2.17 1.65
CA LEU B 90 -10.82 -2.04 0.26
C LEU B 90 -10.82 -0.55 -0.06
N ILE B 91 -10.21 -0.16 -1.18
CA ILE B 91 -10.34 1.17 -1.72
C ILE B 91 -11.10 1.10 -3.04
N ILE B 92 -12.12 1.92 -3.15
CA ILE B 92 -12.83 2.15 -4.39
C ILE B 92 -12.33 3.45 -5.01
N TRP B 93 -11.86 3.38 -6.24
CA TRP B 93 -11.26 4.53 -6.91
C TRP B 93 -12.11 4.95 -8.08
N ASP B 94 -12.29 6.26 -8.23
CA ASP B 94 -12.63 6.85 -9.52
C ASP B 94 -11.33 6.91 -10.32
N SER B 95 -11.18 5.99 -11.29
CA SER B 95 -9.99 5.97 -12.11
C SER B 95 -9.83 7.20 -12.98
N TYR B 96 -10.93 7.89 -13.28
CA TYR B 96 -10.86 9.11 -14.06
C TYR B 96 -10.20 10.26 -13.29
N THR B 97 -10.41 10.34 -11.98
CA THR B 97 -10.02 11.49 -11.18
C THR B 97 -9.03 11.16 -10.07
N THR B 98 -8.54 9.92 -10.02
CA THR B 98 -7.68 9.43 -8.95
C THR B 98 -8.35 9.47 -7.55
N ASN B 99 -9.67 9.68 -7.47
CA ASN B 99 -10.30 9.93 -6.18
C ASN B 99 -10.64 8.57 -5.54
N LYS B 100 -10.42 8.49 -4.23
CA LYS B 100 -10.86 7.36 -3.41
C LYS B 100 -12.31 7.57 -3.02
N VAL B 101 -13.21 6.70 -3.54
CA VAL B 101 -14.63 6.79 -3.23
C VAL B 101 -14.95 6.24 -1.85
N HIS B 102 -14.39 5.10 -1.51
CA HIS B 102 -14.54 4.56 -0.17
C HIS B 102 -13.24 3.85 0.19
N ALA B 103 -12.93 3.87 1.48
CA ALA B 103 -11.97 2.95 2.10
C ALA B 103 -12.61 2.21 3.27
N ILE B 104 -12.67 0.88 3.16
CA ILE B 104 -13.46 0.04 4.04
C ILE B 104 -12.52 -0.60 5.05
N PRO B 105 -12.65 -0.31 6.34
CA PRO B 105 -11.82 -1.01 7.33
C PRO B 105 -12.33 -2.44 7.51
N LEU B 106 -11.49 -3.41 7.11
CA LEU B 106 -11.80 -4.83 7.12
C LEU B 106 -11.40 -5.51 8.44
N ARG B 107 -12.25 -6.45 8.84
CA ARG B 107 -12.08 -7.18 10.13
C ARG B 107 -10.82 -8.03 10.05
N SER B 108 -10.57 -8.62 8.90
CA SER B 108 -9.37 -9.42 8.68
C SER B 108 -8.50 -8.73 7.65
N SER B 109 -7.22 -8.49 8.02
CA SER B 109 -6.31 -7.84 7.10
C SER B 109 -5.89 -8.72 5.93
N TRP B 110 -6.14 -10.03 5.99
CA TRP B 110 -5.45 -11.02 5.17
C TRP B 110 -6.19 -11.26 3.86
N VAL B 111 -6.61 -10.18 3.23
CA VAL B 111 -7.40 -10.24 2.01
C VAL B 111 -6.64 -10.94 0.88
N MET B 112 -7.39 -11.60 0.00
CA MET B 112 -6.77 -12.28 -1.14
C MET B 112 -7.66 -12.20 -2.37
N THR B 113 -8.90 -11.74 -2.21
CA THR B 113 -9.78 -11.62 -3.34
C THR B 113 -10.71 -10.46 -3.11
N CYS B 114 -11.27 -9.98 -4.21
CA CYS B 114 -12.00 -8.71 -4.28
C CYS B 114 -12.95 -8.79 -5.45
N ALA B 115 -14.22 -8.40 -5.25
CA ALA B 115 -15.16 -8.34 -6.34
C ALA B 115 -16.03 -7.08 -6.23
N TYR B 116 -16.37 -6.55 -7.39
CA TYR B 116 -17.42 -5.53 -7.53
C TYR B 116 -18.66 -6.18 -8.13
N ALA B 117 -19.79 -5.99 -7.49
CA ALA B 117 -21.06 -6.41 -8.05
C ALA B 117 -21.32 -5.69 -9.36
N PRO B 118 -21.89 -6.36 -10.37
CA PRO B 118 -22.03 -5.72 -11.67
C PRO B 118 -22.97 -4.54 -11.66
N SER B 119 -23.80 -4.40 -10.64
CA SER B 119 -24.64 -3.21 -10.50
C SER B 119 -23.88 -2.06 -9.87
N GLY B 120 -22.82 -2.34 -9.14
CA GLY B 120 -22.12 -1.39 -8.32
C GLY B 120 -22.60 -1.29 -6.88
N ASN B 121 -23.68 -2.00 -6.52
CA ASN B 121 -24.30 -1.81 -5.21
C ASN B 121 -23.50 -2.46 -4.10
N TYR B 122 -22.69 -3.45 -4.44
CA TYR B 122 -21.99 -4.23 -3.42
C TYR B 122 -20.55 -4.43 -3.85
N VAL B 123 -19.68 -4.62 -2.87
CA VAL B 123 -18.35 -5.21 -3.06
C VAL B 123 -18.19 -6.39 -2.12
N ALA B 124 -17.34 -7.33 -2.52
CA ALA B 124 -16.99 -8.50 -1.73
C ALA B 124 -15.47 -8.58 -1.50
N CYS B 125 -15.10 -9.09 -0.34
CA CYS B 125 -13.70 -9.34 0.00
C CYS B 125 -13.57 -10.69 0.70
N GLY B 126 -12.42 -11.34 0.54
CA GLY B 126 -12.17 -12.61 1.20
C GLY B 126 -10.69 -12.85 1.36
N GLY B 127 -10.38 -13.79 2.23
CA GLY B 127 -8.99 -13.98 2.68
C GLY B 127 -8.76 -15.28 3.43
N LEU B 128 -7.79 -15.27 4.34
CA LEU B 128 -7.49 -16.44 5.17
C LEU B 128 -8.60 -16.71 6.17
N ASP B 129 -9.33 -15.67 6.57
CA ASP B 129 -10.68 -15.85 7.05
C ASP B 129 -11.57 -16.46 5.94
N ASN B 130 -12.24 -17.55 6.26
CA ASN B 130 -12.96 -18.31 5.25
C ASN B 130 -14.31 -17.71 4.92
N ILE B 131 -14.33 -16.40 4.76
CA ILE B 131 -15.55 -15.61 4.61
C ILE B 131 -15.41 -14.81 3.31
N CYS B 132 -16.50 -14.66 2.57
CA CYS B 132 -16.62 -13.67 1.53
C CYS B 132 -17.54 -12.58 2.08
N SER B 133 -16.96 -11.43 2.39
CA SER B 133 -17.65 -10.36 3.11
C SER B 133 -18.33 -9.43 2.12
N ILE B 134 -19.65 -9.52 2.04
CA ILE B 134 -20.41 -8.73 1.08
C ILE B 134 -20.70 -7.38 1.74
N TYR B 135 -20.12 -6.32 1.19
CA TYR B 135 -20.24 -4.97 1.74
C TYR B 135 -21.24 -4.19 0.92
N ASN B 136 -22.20 -3.57 1.58
CA ASN B 136 -23.20 -2.74 0.90
C ASN B 136 -22.69 -1.31 0.77
N LEU B 137 -22.58 -0.84 -0.49
CA LEU B 137 -22.06 0.49 -0.78
C LEU B 137 -23.09 1.58 -0.68
N LYS B 138 -24.36 1.20 -0.89
CA LYS B 138 -25.43 2.19 -0.97
C LYS B 138 -26.40 2.13 0.19
N THR B 139 -25.93 2.34 1.41
CA THR B 139 -26.78 2.53 2.58
C THR B 139 -27.25 3.98 2.63
N ARG B 140 -28.32 4.21 3.40
CA ARG B 140 -28.73 5.57 3.78
C ARG B 140 -27.88 6.14 4.91
N GLU B 141 -27.14 5.29 5.63
CA GLU B 141 -26.24 5.74 6.68
C GLU B 141 -24.93 6.28 6.13
N GLY B 142 -24.67 6.09 4.82
CA GLY B 142 -23.50 6.68 4.23
C GLY B 142 -22.20 6.13 4.75
N ASN B 143 -22.21 4.99 5.43
CA ASN B 143 -21.02 4.18 5.64
C ASN B 143 -21.22 2.83 4.99
N VAL B 144 -20.12 2.24 4.56
CA VAL B 144 -20.14 0.85 4.13
C VAL B 144 -20.25 -0.05 5.37
N ARG B 145 -21.13 -1.04 5.30
CA ARG B 145 -21.25 -2.04 6.35
C ARG B 145 -21.31 -3.44 5.73
N VAL B 146 -20.93 -4.43 6.52
CA VAL B 146 -20.95 -5.82 6.07
C VAL B 146 -22.40 -6.28 6.06
N SER B 147 -22.90 -6.57 4.86
CA SER B 147 -24.27 -7.06 4.70
C SER B 147 -24.40 -8.56 5.01
N ARG B 148 -23.37 -9.35 4.63
CA ARG B 148 -23.33 -10.77 4.94
C ARG B 148 -21.90 -11.24 5.20
N GLU B 149 -21.73 -12.15 6.17
CA GLU B 149 -20.50 -12.89 6.41
C GLU B 149 -20.76 -14.32 5.96
N LEU B 150 -20.47 -14.61 4.69
CA LEU B 150 -20.67 -15.95 4.12
C LEU B 150 -19.60 -16.90 4.64
N ALA B 151 -19.93 -17.68 5.66
CA ALA B 151 -18.90 -18.25 6.53
C ALA B 151 -18.95 -19.78 6.48
N GLY B 152 -19.14 -20.36 5.30
CA GLY B 152 -19.32 -21.80 5.26
C GLY B 152 -18.17 -22.55 4.61
N HIS B 153 -17.24 -21.82 4.01
CA HIS B 153 -16.01 -22.45 3.53
C HIS B 153 -15.08 -22.85 4.67
N THR B 154 -14.11 -23.71 4.36
CA THR B 154 -13.13 -24.15 5.35
C THR B 154 -11.69 -24.03 4.83
N GLY B 155 -11.47 -23.34 3.72
CA GLY B 155 -10.15 -22.84 3.38
C GLY B 155 -10.29 -21.49 2.72
N TYR B 156 -9.17 -20.76 2.66
CA TYR B 156 -9.21 -19.34 2.34
C TYR B 156 -9.98 -19.09 1.06
N LEU B 157 -10.71 -17.99 1.03
CA LEU B 157 -11.34 -17.52 -0.19
C LEU B 157 -10.30 -16.99 -1.15
N SER B 158 -10.14 -17.70 -2.27
CA SER B 158 -9.19 -17.30 -3.29
C SER B 158 -9.83 -16.42 -4.35
N CYS B 159 -11.12 -16.59 -4.63
CA CYS B 159 -11.81 -15.75 -5.58
C CYS B 159 -13.29 -15.64 -5.23
N CYS B 160 -13.85 -14.43 -5.31
CA CYS B 160 -15.27 -14.19 -5.25
C CYS B 160 -15.67 -13.43 -6.50
N ARG B 161 -16.80 -13.81 -7.10
CA ARG B 161 -17.34 -13.06 -8.23
C ARG B 161 -18.86 -13.05 -8.19
N PHE B 162 -19.42 -11.84 -8.25
CA PHE B 162 -20.88 -11.67 -8.26
C PHE B 162 -21.48 -12.11 -9.61
N LEU B 163 -22.58 -12.87 -9.54
CA LEU B 163 -23.43 -13.14 -10.69
C LEU B 163 -24.50 -12.07 -10.79
N ASP B 164 -24.97 -11.61 -9.63
CA ASP B 164 -26.03 -10.64 -9.49
C ASP B 164 -26.03 -10.23 -8.04
N ASP B 165 -26.84 -9.23 -7.71
CA ASP B 165 -26.85 -8.71 -6.34
C ASP B 165 -27.23 -9.81 -5.33
N ASN B 166 -27.98 -10.81 -5.75
CA ASN B 166 -28.34 -11.92 -4.90
C ASN B 166 -27.43 -13.14 -5.01
N GLN B 167 -26.51 -13.18 -5.95
CA GLN B 167 -25.73 -14.38 -6.15
C GLN B 167 -24.26 -14.06 -6.39
N ILE B 168 -23.38 -14.80 -5.70
CA ILE B 168 -21.93 -14.69 -5.80
C ILE B 168 -21.36 -16.10 -5.90
N VAL B 169 -20.40 -16.30 -6.81
CA VAL B 169 -19.64 -17.54 -6.88
C VAL B 169 -18.31 -17.31 -6.18
N THR B 170 -17.86 -18.32 -5.44
CA THR B 170 -16.73 -18.21 -4.55
C THR B 170 -15.80 -19.41 -4.70
N SER B 171 -14.50 -19.20 -4.49
CA SER B 171 -13.47 -20.22 -4.67
C SER B 171 -12.65 -20.20 -3.41
N SER B 172 -12.22 -21.37 -2.94
CA SER B 172 -11.55 -21.44 -1.65
C SER B 172 -10.31 -22.32 -1.68
N GLY B 173 -9.53 -22.18 -0.60
CA GLY B 173 -8.47 -23.14 -0.29
C GLY B 173 -8.97 -24.57 -0.10
N ASP B 174 -10.14 -24.73 0.50
CA ASP B 174 -10.87 -25.98 0.31
C ASP B 174 -11.28 -26.11 -1.14
N THR B 175 -11.06 -27.27 -1.72
CA THR B 175 -11.04 -27.42 -3.16
C THR B 175 -12.37 -27.10 -3.83
N THR B 176 -13.40 -26.84 -3.03
CA THR B 176 -14.74 -26.59 -3.55
C THR B 176 -14.92 -25.13 -3.97
N CYS B 177 -15.71 -24.93 -5.01
CA CYS B 177 -16.44 -23.68 -5.20
C CYS B 177 -17.82 -23.77 -4.54
N ALA B 178 -18.39 -22.59 -4.27
CA ALA B 178 -19.76 -22.48 -3.76
C ALA B 178 -20.44 -21.27 -4.37
N LEU B 179 -21.67 -21.51 -4.84
CA LEU B 179 -22.60 -20.43 -5.18
C LEU B 179 -23.42 -20.09 -3.95
N TRP B 180 -23.53 -18.80 -3.68
CA TRP B 180 -24.21 -18.34 -2.48
C TRP B 180 -25.44 -17.54 -2.86
N ASP B 181 -26.47 -17.66 -2.03
CA ASP B 181 -27.53 -16.68 -1.94
C ASP B 181 -27.16 -15.68 -0.86
N ILE B 182 -26.89 -14.45 -1.25
CA ILE B 182 -26.53 -13.42 -0.29
C ILE B 182 -27.69 -13.11 0.64
N GLU B 183 -28.91 -12.95 0.09
CA GLU B 183 -30.08 -12.65 0.92
C GLU B 183 -30.22 -13.61 2.08
N THR B 184 -30.08 -14.91 1.83
CA THR B 184 -30.25 -15.91 2.88
C THR B 184 -28.94 -16.42 3.45
N GLY B 185 -27.82 -15.89 2.98
CA GLY B 185 -26.54 -16.13 3.60
C GLY B 185 -26.09 -17.56 3.63
N GLN B 186 -26.40 -18.32 2.56
CA GLN B 186 -26.19 -19.76 2.55
C GLN B 186 -25.84 -20.23 1.15
N GLN B 187 -25.16 -21.36 1.08
CA GLN B 187 -24.80 -21.93 -0.22
C GLN B 187 -26.05 -22.47 -0.89
N THR B 188 -26.29 -22.05 -2.13
CA THR B 188 -27.31 -22.68 -2.95
C THR B 188 -26.78 -23.84 -3.79
N THR B 189 -25.50 -23.80 -4.16
CA THR B 189 -24.88 -24.91 -4.86
C THR B 189 -23.42 -24.96 -4.47
N THR B 190 -22.94 -26.17 -4.21
CA THR B 190 -21.51 -26.42 -3.99
C THR B 190 -20.93 -27.23 -5.13
N PHE B 191 -19.81 -26.76 -5.67
CA PHE B 191 -19.20 -27.39 -6.86
C PHE B 191 -18.00 -28.20 -6.42
N THR B 192 -18.15 -29.53 -6.44
CA THR B 192 -17.17 -30.46 -5.89
C THR B 192 -16.61 -31.26 -7.05
N GLY B 193 -15.29 -31.27 -7.17
CA GLY B 193 -14.66 -31.99 -8.28
C GLY B 193 -13.21 -31.65 -8.55
N HIS B 194 -12.77 -30.44 -8.28
CA HIS B 194 -11.34 -30.19 -8.19
C HIS B 194 -10.73 -31.01 -7.06
N THR B 195 -9.47 -31.38 -7.23
CA THR B 195 -8.68 -31.97 -6.17
C THR B 195 -7.68 -31.02 -5.58
N GLY B 196 -7.12 -30.11 -6.40
CA GLY B 196 -6.21 -29.11 -5.90
C GLY B 196 -6.94 -27.93 -5.32
N ASP B 197 -6.24 -27.22 -4.43
CA ASP B 197 -6.63 -25.88 -3.98
C ASP B 197 -7.01 -25.00 -5.17
N VAL B 198 -8.27 -24.58 -5.22
CA VAL B 198 -8.81 -23.92 -6.39
C VAL B 198 -8.61 -22.42 -6.20
N MET B 199 -8.12 -21.75 -7.23
CA MET B 199 -7.38 -20.51 -7.11
C MET B 199 -8.09 -19.29 -7.68
N SER B 200 -8.79 -19.43 -8.80
CA SER B 200 -9.33 -18.29 -9.51
C SER B 200 -10.62 -18.70 -10.20
N LEU B 201 -11.57 -17.76 -10.23
CA LEU B 201 -12.81 -17.89 -10.98
C LEU B 201 -12.84 -16.84 -12.07
N SER B 202 -13.53 -17.16 -13.18
CA SER B 202 -14.12 -16.14 -14.04
C SER B 202 -15.50 -16.61 -14.48
N LEU B 203 -16.51 -15.78 -14.23
CA LEU B 203 -17.82 -16.02 -14.81
C LEU B 203 -17.79 -15.71 -16.30
N ALA B 204 -18.50 -16.52 -17.09
CA ALA B 204 -18.73 -16.20 -18.50
C ALA B 204 -19.65 -14.97 -18.62
N PRO B 205 -19.59 -14.26 -19.75
CA PRO B 205 -20.47 -13.10 -19.93
C PRO B 205 -21.96 -13.40 -19.80
N ASP B 206 -22.41 -14.56 -20.27
CA ASP B 206 -23.80 -14.94 -20.12
C ASP B 206 -24.17 -15.30 -18.69
N THR B 207 -23.16 -15.44 -17.82
CA THR B 207 -23.29 -15.78 -16.40
C THR B 207 -23.91 -17.16 -16.21
N ARG B 208 -24.12 -17.92 -17.28
CA ARG B 208 -24.61 -19.28 -17.18
C ARG B 208 -23.52 -20.29 -16.89
N LEU B 209 -22.27 -19.93 -17.17
CA LEU B 209 -21.11 -20.78 -16.95
C LEU B 209 -20.08 -20.01 -16.14
N PHE B 210 -19.24 -20.74 -15.43
CA PHE B 210 -17.98 -20.19 -15.00
C PHE B 210 -16.93 -21.28 -15.10
N VAL B 211 -15.67 -20.84 -15.15
CA VAL B 211 -14.52 -21.73 -15.20
C VAL B 211 -13.59 -21.42 -14.03
N SER B 212 -12.97 -22.47 -13.47
CA SER B 212 -12.16 -22.40 -12.26
C SER B 212 -10.87 -23.19 -12.44
N GLY B 213 -9.78 -22.60 -12.00
CA GLY B 213 -8.46 -23.24 -12.02
C GLY B 213 -8.05 -23.63 -10.61
N ALA B 214 -7.36 -24.75 -10.48
CA ALA B 214 -6.95 -25.23 -9.17
C ALA B 214 -5.50 -25.71 -9.24
N CYS B 215 -4.93 -25.94 -8.05
CA CYS B 215 -3.56 -26.42 -7.95
C CYS B 215 -3.34 -27.77 -8.58
N ASP B 216 -4.40 -28.51 -8.84
CA ASP B 216 -4.22 -29.73 -9.62
C ASP B 216 -3.91 -29.45 -11.09
N ALA B 217 -3.68 -28.19 -11.46
CA ALA B 217 -3.38 -27.80 -12.84
C ALA B 217 -4.51 -28.11 -13.81
N SER B 218 -5.72 -28.31 -13.30
CA SER B 218 -6.88 -28.49 -14.13
C SER B 218 -7.75 -27.22 -14.09
N ALA B 219 -8.47 -26.99 -15.19
CA ALA B 219 -9.58 -26.07 -15.22
C ALA B 219 -10.88 -26.86 -15.40
N LYS B 220 -11.93 -26.47 -14.65
CA LYS B 220 -13.23 -27.10 -14.76
C LYS B 220 -14.27 -26.04 -15.11
N LEU B 221 -15.10 -26.35 -16.09
CA LEU B 221 -16.22 -25.50 -16.50
C LEU B 221 -17.48 -26.00 -15.81
N TRP B 222 -18.13 -25.13 -15.04
CA TRP B 222 -19.29 -25.46 -14.23
C TRP B 222 -20.53 -24.77 -14.78
N ASP B 223 -21.63 -25.51 -14.76
CA ASP B 223 -22.97 -24.95 -14.90
C ASP B 223 -23.42 -24.43 -13.54
N VAL B 224 -23.60 -23.10 -13.44
CA VAL B 224 -24.01 -22.49 -12.16
C VAL B 224 -25.31 -23.11 -11.68
N ARG B 225 -26.19 -23.48 -12.60
CA ARG B 225 -27.57 -23.82 -12.27
C ARG B 225 -27.72 -25.31 -12.04
N GLU B 226 -27.10 -26.11 -12.90
CA GLU B 226 -27.12 -27.56 -12.74
C GLU B 226 -26.14 -28.00 -11.67
N GLY B 227 -24.97 -27.36 -11.57
CA GLY B 227 -23.94 -27.81 -10.68
C GLY B 227 -22.94 -28.78 -11.29
N MET B 228 -23.19 -29.23 -12.53
CA MET B 228 -22.33 -30.22 -13.16
C MET B 228 -21.07 -29.57 -13.72
N CYS B 229 -19.95 -30.29 -13.60
CA CYS B 229 -18.70 -29.98 -14.31
C CYS B 229 -18.82 -30.51 -15.73
N ARG B 230 -19.15 -29.61 -16.66
CA ARG B 230 -19.32 -30.02 -18.03
C ARG B 230 -18.02 -30.49 -18.65
N GLN B 231 -16.91 -29.83 -18.35
CA GLN B 231 -15.64 -30.15 -19.00
C GLN B 231 -14.48 -29.85 -18.07
N THR B 232 -13.38 -30.58 -18.29
CA THR B 232 -12.16 -30.42 -17.52
C THR B 232 -11.00 -30.23 -18.48
N PHE B 233 -10.24 -29.15 -18.24
CA PHE B 233 -9.09 -28.79 -19.07
C PHE B 233 -7.81 -28.93 -18.25
N THR B 234 -6.80 -29.56 -18.86
CA THR B 234 -5.72 -30.18 -18.11
C THR B 234 -4.31 -29.85 -18.61
N GLY B 235 -4.15 -29.01 -19.63
CA GLY B 235 -2.85 -28.90 -20.31
C GLY B 235 -1.73 -28.29 -19.50
N HIS B 236 -2.04 -27.64 -18.38
CA HIS B 236 -1.00 -26.98 -17.60
C HIS B 236 -0.21 -28.01 -16.80
N GLU B 237 1.10 -27.75 -16.64
CA GLU B 237 2.00 -28.57 -15.85
C GLU B 237 1.99 -28.19 -14.37
N SER B 238 1.32 -27.08 -14.01
CA SER B 238 1.30 -26.66 -12.63
C SER B 238 0.11 -25.75 -12.42
N ASP B 239 -0.14 -25.40 -11.16
CA ASP B 239 -1.31 -24.64 -10.72
C ASP B 239 -1.66 -23.50 -11.64
N ILE B 240 -2.95 -23.42 -11.97
CA ILE B 240 -3.58 -22.28 -12.63
C ILE B 240 -3.87 -21.17 -11.63
N ASN B 241 -2.89 -20.28 -11.43
CA ASN B 241 -3.11 -19.11 -10.57
C ASN B 241 -4.23 -18.21 -11.05
N ALA B 242 -4.42 -18.13 -12.36
CA ALA B 242 -5.21 -17.07 -12.97
C ALA B 242 -6.07 -17.64 -14.09
N ILE B 243 -7.29 -17.11 -14.24
CA ILE B 243 -8.21 -17.59 -15.27
C ILE B 243 -9.06 -16.42 -15.73
N CYS B 244 -9.37 -16.38 -17.04
CA CYS B 244 -10.23 -15.36 -17.61
C CYS B 244 -10.89 -15.93 -18.86
N PHE B 245 -12.20 -15.67 -18.99
CA PHE B 245 -12.92 -15.94 -20.21
C PHE B 245 -12.58 -14.97 -21.36
N PHE B 246 -12.36 -15.53 -22.54
CA PHE B 246 -12.42 -14.75 -23.78
C PHE B 246 -13.82 -14.18 -23.99
N PRO B 247 -13.96 -12.92 -24.39
CA PRO B 247 -15.21 -12.18 -24.12
C PRO B 247 -16.42 -12.70 -24.86
N ASN B 248 -16.29 -13.67 -25.77
CA ASN B 248 -17.46 -14.34 -26.36
C ASN B 248 -17.98 -15.53 -25.51
N GLY B 249 -17.21 -15.96 -24.52
CA GLY B 249 -17.56 -17.08 -23.67
C GLY B 249 -17.25 -18.43 -24.27
N ASN B 250 -16.68 -18.47 -25.48
CA ASN B 250 -16.31 -19.73 -26.11
C ASN B 250 -14.88 -20.16 -25.80
N ALA B 251 -14.08 -19.30 -25.19
CA ALA B 251 -12.70 -19.63 -24.82
C ALA B 251 -12.34 -18.97 -23.51
N PHE B 252 -11.29 -19.49 -22.87
CA PHE B 252 -10.73 -18.87 -21.68
C PHE B 252 -9.24 -19.11 -21.63
N ALA B 253 -8.52 -18.13 -21.06
CA ALA B 253 -7.11 -18.21 -20.77
C ALA B 253 -6.85 -18.69 -19.34
N THR B 254 -5.75 -19.42 -19.17
CA THR B 254 -5.35 -20.00 -17.90
C THR B 254 -3.88 -19.68 -17.69
N GLY B 255 -3.57 -18.90 -16.68
CA GLY B 255 -2.19 -18.57 -16.34
C GLY B 255 -1.70 -19.49 -15.22
N SER B 256 -0.48 -19.99 -15.35
CA SER B 256 0.01 -20.97 -14.39
C SER B 256 1.38 -20.60 -13.87
N ASP B 257 1.73 -21.22 -12.73
CA ASP B 257 3.10 -21.24 -12.19
C ASP B 257 4.11 -21.84 -13.17
N ASP B 258 3.66 -22.56 -14.19
CA ASP B 258 4.59 -23.05 -15.23
C ASP B 258 5.09 -21.93 -16.18
N ALA B 259 4.73 -20.68 -15.86
CA ALA B 259 5.09 -19.51 -16.65
C ALA B 259 4.48 -19.54 -18.05
N THR B 260 3.36 -20.25 -18.21
CA THR B 260 2.60 -20.25 -19.46
C THR B 260 1.18 -19.78 -19.20
N CYS B 261 0.62 -19.11 -20.21
CA CYS B 261 -0.80 -19.07 -20.39
C CYS B 261 -1.19 -20.15 -21.40
N ARG B 262 -2.40 -20.68 -21.25
CA ARG B 262 -2.96 -21.50 -22.32
C ARG B 262 -4.37 -21.02 -22.63
N LEU B 263 -4.69 -20.97 -23.92
CA LEU B 263 -6.06 -20.67 -24.38
C LEU B 263 -6.81 -21.98 -24.57
N PHE B 264 -7.89 -22.15 -23.81
CA PHE B 264 -8.78 -23.29 -23.93
C PHE B 264 -10.07 -22.83 -24.57
N ASP B 265 -10.57 -23.62 -25.51
CA ASP B 265 -11.86 -23.36 -26.13
C ASP B 265 -12.91 -24.29 -25.55
N LEU B 266 -14.04 -23.72 -25.11
CA LEU B 266 -15.09 -24.47 -24.43
C LEU B 266 -15.73 -25.52 -25.32
N ARG B 267 -15.63 -25.35 -26.64
CA ARG B 267 -16.26 -26.30 -27.55
C ARG B 267 -15.26 -27.08 -28.42
N ALA B 268 -13.99 -26.67 -28.50
CA ALA B 268 -12.96 -27.64 -28.91
C ALA B 268 -12.65 -28.65 -27.81
N ASP B 269 -12.92 -28.32 -26.54
CA ASP B 269 -12.52 -29.14 -25.40
C ASP B 269 -11.00 -29.34 -25.34
N GLN B 270 -10.26 -28.33 -25.78
CA GLN B 270 -8.86 -28.55 -26.12
C GLN B 270 -8.08 -27.25 -25.94
N GLU B 271 -6.77 -27.41 -25.73
CA GLU B 271 -5.84 -26.28 -25.74
C GLU B 271 -5.63 -25.79 -27.15
N LEU B 272 -5.95 -24.51 -27.38
CA LEU B 272 -5.78 -23.89 -28.70
C LEU B 272 -4.40 -23.30 -28.90
N MET B 273 -3.85 -22.63 -27.89
CA MET B 273 -2.56 -21.96 -28.04
C MET B 273 -1.92 -21.82 -26.67
N THR B 274 -0.60 -21.82 -26.68
CA THR B 274 0.20 -21.61 -25.46
C THR B 274 1.07 -20.36 -25.64
N TYR B 275 1.13 -19.55 -24.57
CA TYR B 275 1.85 -18.29 -24.57
C TYR B 275 3.08 -18.48 -23.67
N SER B 276 4.21 -18.72 -24.29
CA SER B 276 5.42 -19.11 -23.58
C SER B 276 6.64 -18.47 -24.25
N HIS B 277 7.66 -18.23 -23.45
CA HIS B 277 8.95 -17.77 -23.93
C HIS B 277 10.04 -18.18 -22.96
N ASP B 278 11.23 -18.45 -23.53
CA ASP B 278 12.32 -19.02 -22.74
C ASP B 278 12.75 -18.06 -21.64
N ASN B 279 12.69 -16.75 -21.92
CA ASN B 279 13.02 -15.70 -20.95
C ASN B 279 12.02 -15.64 -19.79
N ILE B 280 10.87 -16.25 -19.94
CA ILE B 280 9.78 -16.16 -18.97
C ILE B 280 9.77 -17.39 -18.07
N ILE B 281 10.58 -17.36 -17.01
CA ILE B 281 10.58 -18.39 -15.99
C ILE B 281 9.57 -18.10 -14.89
N CYS B 282 9.09 -16.88 -14.75
CA CYS B 282 8.20 -16.51 -13.67
C CYS B 282 6.74 -16.90 -13.96
N GLY B 283 6.02 -17.27 -12.90
CA GLY B 283 4.63 -17.65 -13.06
C GLY B 283 3.72 -16.49 -13.42
N ILE B 284 2.61 -16.84 -14.07
CA ILE B 284 1.55 -15.89 -14.37
C ILE B 284 0.72 -15.69 -13.11
N THR B 285 0.48 -14.42 -12.77
CA THR B 285 -0.29 -14.08 -11.59
C THR B 285 -1.72 -13.66 -11.92
N SER B 286 -1.96 -13.08 -13.09
CA SER B 286 -3.30 -12.65 -13.47
C SER B 286 -3.38 -12.71 -14.98
N VAL B 287 -4.58 -12.99 -15.49
CA VAL B 287 -4.83 -12.86 -16.93
C VAL B 287 -6.14 -12.13 -17.10
N SER B 288 -6.20 -11.31 -18.14
CA SER B 288 -7.43 -10.66 -18.62
C SER B 288 -7.30 -10.41 -20.11
N PHE B 289 -8.45 -10.36 -20.78
CA PHE B 289 -8.53 -10.15 -22.21
C PHE B 289 -8.92 -8.70 -22.47
N SER B 290 -8.37 -8.15 -23.55
CA SER B 290 -8.93 -6.95 -24.13
C SER B 290 -10.34 -7.25 -24.62
N LYS B 291 -11.14 -6.17 -24.74
CA LYS B 291 -12.56 -6.38 -25.02
C LYS B 291 -12.76 -7.19 -26.31
N SER B 292 -11.85 -7.14 -27.25
CA SER B 292 -12.08 -7.85 -28.53
C SER B 292 -11.47 -9.23 -28.44
N GLY B 293 -10.95 -9.55 -27.26
CA GLY B 293 -10.23 -10.80 -27.16
C GLY B 293 -8.89 -10.83 -27.83
N ARG B 294 -8.49 -9.79 -28.56
CA ARG B 294 -7.28 -9.89 -29.37
C ARG B 294 -5.99 -9.79 -28.57
N LEU B 295 -6.01 -9.07 -27.45
CA LEU B 295 -4.87 -9.04 -26.53
C LEU B 295 -5.17 -9.82 -25.27
N LEU B 296 -4.25 -10.71 -24.87
CA LEU B 296 -4.26 -11.34 -23.56
C LEU B 296 -3.15 -10.73 -22.72
N LEU B 297 -3.52 -10.11 -21.59
CA LEU B 297 -2.57 -9.42 -20.72
C LEU B 297 -2.30 -10.31 -19.52
N ALA B 298 -1.03 -10.66 -19.30
CA ALA B 298 -0.60 -11.54 -18.23
C ALA B 298 0.31 -10.81 -17.24
N GLY B 299 -0.01 -10.90 -15.93
CA GLY B 299 0.90 -10.43 -14.90
C GLY B 299 1.83 -11.52 -14.46
N TYR B 300 2.98 -11.14 -13.92
CA TYR B 300 4.01 -12.11 -13.69
C TYR B 300 4.55 -11.96 -12.29
N ASP B 301 5.29 -12.98 -11.87
CA ASP B 301 6.15 -12.82 -10.68
C ASP B 301 7.30 -11.86 -10.96
N ASP B 302 7.84 -11.91 -12.16
CA ASP B 302 8.59 -10.81 -12.74
C ASP B 302 7.73 -9.55 -12.77
N PHE B 303 8.36 -8.42 -12.51
CA PHE B 303 7.63 -7.22 -12.12
C PHE B 303 6.99 -6.53 -13.31
N ASN B 304 6.38 -7.32 -14.19
CA ASN B 304 5.99 -6.86 -15.51
C ASN B 304 4.63 -7.49 -15.79
N CYS B 305 3.92 -6.86 -16.73
CA CYS B 305 2.81 -7.50 -17.47
C CYS B 305 3.19 -7.56 -18.94
N ASN B 306 2.95 -8.72 -19.55
CA ASN B 306 3.17 -8.91 -20.98
C ASN B 306 1.82 -8.94 -21.69
N VAL B 307 1.74 -8.20 -22.78
CA VAL B 307 0.55 -8.11 -23.62
C VAL B 307 0.78 -9.10 -24.77
N TRP B 308 -0.01 -10.15 -24.81
CA TRP B 308 0.08 -11.18 -25.83
C TRP B 308 -0.99 -10.97 -26.89
N ASP B 309 -0.63 -11.17 -28.15
CA ASP B 309 -1.60 -11.38 -29.23
C ASP B 309 -2.25 -12.75 -29.00
N ALA B 310 -3.53 -12.75 -28.58
CA ALA B 310 -4.19 -14.00 -28.24
C ALA B 310 -4.34 -14.94 -29.43
N LEU B 311 -4.29 -14.42 -30.64
CA LEU B 311 -4.41 -15.26 -31.84
C LEU B 311 -3.07 -15.80 -32.31
N LYS B 312 -1.97 -15.10 -32.03
CA LYS B 312 -0.68 -15.42 -32.64
C LYS B 312 0.44 -15.65 -31.65
N ALA B 313 0.19 -15.43 -30.33
CA ALA B 313 1.17 -15.63 -29.26
C ALA B 313 2.46 -14.84 -29.44
N ASP B 314 2.50 -13.79 -30.26
CA ASP B 314 3.60 -12.83 -30.18
C ASP B 314 3.44 -11.88 -29.00
N ARG B 315 4.54 -11.62 -28.31
CA ARG B 315 4.55 -10.63 -27.24
C ARG B 315 4.48 -9.21 -27.80
N ALA B 316 3.26 -8.72 -28.05
CA ALA B 316 3.04 -7.39 -28.59
C ALA B 316 3.58 -6.28 -27.70
N GLY B 317 3.65 -6.52 -26.40
CA GLY B 317 4.18 -5.49 -25.53
C GLY B 317 4.40 -5.98 -24.12
N VAL B 318 5.02 -5.13 -23.32
CA VAL B 318 5.31 -5.37 -21.90
C VAL B 318 4.96 -4.11 -21.12
N LEU B 319 4.23 -4.28 -20.01
CA LEU B 319 3.95 -3.20 -19.08
C LEU B 319 4.89 -3.34 -17.88
N ALA B 320 5.79 -2.38 -17.73
CA ALA B 320 6.99 -2.58 -16.93
C ALA B 320 7.12 -1.57 -15.80
N GLY B 321 6.04 -0.86 -15.46
CA GLY B 321 6.11 0.23 -14.50
C GLY B 321 6.11 -0.18 -13.06
N HIS B 322 6.07 -1.47 -12.77
CA HIS B 322 6.02 -1.98 -11.41
C HIS B 322 7.39 -2.39 -10.91
N ASP B 323 7.60 -2.26 -9.61
CA ASP B 323 8.83 -2.65 -8.92
C ASP B 323 8.57 -3.83 -7.99
N ASN B 324 7.40 -4.45 -8.06
CA ASN B 324 7.22 -5.72 -7.35
C ASN B 324 6.27 -6.61 -8.16
N ARG B 325 6.14 -7.84 -7.68
CA ARG B 325 5.23 -8.81 -8.28
C ARG B 325 3.87 -8.20 -8.58
N VAL B 326 3.48 -8.23 -9.87
CA VAL B 326 2.12 -7.90 -10.28
C VAL B 326 1.20 -8.97 -9.74
N SER B 327 0.22 -8.57 -8.94
CA SER B 327 -0.69 -9.53 -8.31
C SER B 327 -2.01 -9.66 -9.05
N CYS B 328 -2.53 -8.58 -9.63
CA CYS B 328 -3.83 -8.58 -10.28
C CYS B 328 -3.83 -7.68 -11.51
N LEU B 329 -4.71 -8.01 -12.45
CA LEU B 329 -4.74 -7.36 -13.76
C LEU B 329 -6.17 -7.49 -14.27
N GLY B 330 -6.84 -6.35 -14.41
CA GLY B 330 -8.17 -6.33 -14.98
C GLY B 330 -8.25 -5.35 -16.13
N VAL B 331 -8.98 -5.75 -17.17
CA VAL B 331 -9.34 -4.87 -18.28
C VAL B 331 -10.79 -4.46 -18.11
N THR B 332 -11.06 -3.15 -18.29
CA THR B 332 -12.42 -2.66 -18.16
C THR B 332 -13.35 -3.36 -19.14
N ASP B 333 -14.64 -3.43 -18.76
CA ASP B 333 -15.65 -4.05 -19.62
C ASP B 333 -15.73 -3.35 -20.96
N ASP B 334 -15.57 -2.02 -20.97
CA ASP B 334 -15.52 -1.26 -22.22
C ASP B 334 -14.17 -1.34 -22.91
N GLY B 335 -13.17 -2.03 -22.33
CA GLY B 335 -11.88 -2.14 -23.01
C GLY B 335 -11.03 -0.90 -22.98
N MET B 336 -11.46 0.17 -22.33
CA MET B 336 -10.78 1.45 -22.48
C MET B 336 -9.43 1.50 -21.77
N ALA B 337 -9.28 0.76 -20.67
CA ALA B 337 -8.03 0.77 -19.94
C ALA B 337 -7.75 -0.57 -19.26
N VAL B 338 -6.47 -0.80 -18.98
CA VAL B 338 -5.99 -1.94 -18.21
C VAL B 338 -5.50 -1.40 -16.85
N ALA B 339 -6.07 -1.92 -15.77
CA ALA B 339 -5.50 -1.73 -14.45
C ALA B 339 -4.53 -2.85 -14.12
N THR B 340 -3.47 -2.50 -13.41
CA THR B 340 -2.45 -3.45 -12.97
C THR B 340 -2.09 -3.16 -11.52
N GLY B 341 -2.33 -4.11 -10.63
CA GLY B 341 -2.02 -3.96 -9.22
C GLY B 341 -0.88 -4.88 -8.83
N SER B 342 -0.05 -4.44 -7.91
CA SER B 342 1.19 -5.13 -7.61
C SER B 342 1.50 -5.06 -6.11
N TRP B 343 2.43 -5.95 -5.71
CA TRP B 343 2.94 -6.03 -4.34
C TRP B 343 3.78 -4.82 -3.92
N ASP B 344 3.96 -3.83 -4.80
CA ASP B 344 4.58 -2.58 -4.39
C ASP B 344 3.55 -1.57 -3.90
N SER B 345 2.29 -2.01 -3.71
CA SER B 345 1.17 -1.20 -3.24
C SER B 345 0.62 -0.21 -4.27
N PHE B 346 1.12 -0.19 -5.50
CA PHE B 346 0.65 0.78 -6.49
C PHE B 346 -0.28 0.10 -7.48
N LEU B 347 -1.37 0.78 -7.85
CA LEU B 347 -2.35 0.31 -8.82
C LEU B 347 -2.29 1.22 -10.05
N LYS B 348 -1.56 0.75 -11.06
CA LYS B 348 -1.31 1.57 -12.24
C LYS B 348 -2.32 1.29 -13.35
N ILE B 349 -2.88 2.37 -13.90
CA ILE B 349 -3.84 2.29 -15.00
C ILE B 349 -3.13 2.62 -16.31
N TRP B 350 -3.35 1.76 -17.29
CA TRP B 350 -2.64 1.80 -18.56
C TRP B 350 -3.64 1.86 -19.72
N ASN B 351 -3.29 2.66 -20.73
CA ASN B 351 -3.81 2.48 -22.09
C ASN B 351 -2.98 3.24 -23.09
N GLU C 38 60.25 25.18 -3.64
CA GLU C 38 60.15 24.32 -2.46
C GLU C 38 59.23 23.17 -2.71
N TRP C 39 59.30 22.16 -1.84
CA TRP C 39 58.64 20.90 -2.14
C TRP C 39 57.15 20.94 -1.76
N GLN C 40 56.79 21.79 -0.77
CA GLN C 40 55.42 21.80 -0.30
C GLN C 40 54.37 22.07 -1.36
N PRO C 41 54.56 23.00 -2.30
CA PRO C 41 53.56 23.17 -3.35
C PRO C 41 53.26 21.92 -4.16
N ALA C 42 54.27 21.15 -4.53
CA ALA C 42 54.06 19.94 -5.32
C ALA C 42 53.24 18.89 -4.59
N VAL C 43 53.56 18.62 -3.32
CA VAL C 43 52.81 17.62 -2.56
C VAL C 43 51.41 18.12 -2.24
N GLN C 44 51.26 19.43 -1.97
CA GLN C 44 49.93 20.02 -1.84
C GLN C 44 49.10 19.77 -3.09
N ILE C 45 49.62 20.15 -4.26
CA ILE C 45 48.89 19.94 -5.51
C ILE C 45 48.56 18.47 -5.71
N LEU C 46 49.51 17.56 -5.47
CA LEU C 46 49.25 16.13 -5.66
C LEU C 46 48.12 15.63 -4.76
N LEU C 47 48.24 15.91 -3.44
CA LEU C 47 47.25 15.41 -2.49
C LEU C 47 45.89 16.10 -2.64
N TYR C 48 45.86 17.42 -2.88
CA TYR C 48 44.58 18.06 -3.18
C TYR C 48 43.94 17.52 -4.45
N SER C 49 44.70 17.34 -5.52
CA SER C 49 44.16 16.77 -6.75
C SER C 49 43.61 15.37 -6.52
N LEU C 50 44.33 14.53 -5.77
CA LEU C 50 43.91 13.16 -5.49
C LEU C 50 42.63 13.10 -4.66
N ILE C 51 42.57 13.87 -3.56
CA ILE C 51 41.39 13.83 -2.70
C ILE C 51 40.21 14.53 -3.35
N PHE C 52 40.45 15.52 -4.22
CA PHE C 52 39.37 16.10 -5.02
C PHE C 52 38.78 15.07 -5.96
N LEU C 53 39.64 14.44 -6.77
CA LEU C 53 39.17 13.44 -7.71
C LEU C 53 38.45 12.30 -6.99
N LEU C 54 39.04 11.78 -5.92
CA LEU C 54 38.38 10.72 -5.14
C LEU C 54 37.07 11.16 -4.52
N SER C 55 36.98 12.39 -4.01
CA SER C 55 35.74 12.84 -3.40
C SER C 55 34.62 13.06 -4.42
N VAL C 56 34.95 13.72 -5.53
CA VAL C 56 34.00 13.88 -6.63
C VAL C 56 33.52 12.50 -7.13
N LEU C 57 34.45 11.61 -7.47
CA LEU C 57 34.07 10.31 -8.02
C LEU C 57 33.23 9.54 -7.00
N GLY C 58 33.71 9.47 -5.75
CA GLY C 58 32.99 8.73 -4.73
C GLY C 58 31.58 9.24 -4.49
N ASN C 59 31.44 10.54 -4.24
CA ASN C 59 30.12 11.08 -3.96
C ASN C 59 29.18 11.08 -5.17
N THR C 60 29.67 11.28 -6.39
CA THR C 60 28.82 11.12 -7.56
C THR C 60 28.39 9.67 -7.78
N LEU C 61 29.27 8.71 -7.51
CA LEU C 61 28.85 7.32 -7.47
C LEU C 61 27.76 7.06 -6.41
N VAL C 62 27.94 7.60 -5.22
CA VAL C 62 26.92 7.45 -4.18
C VAL C 62 25.60 8.04 -4.65
N ILE C 63 25.63 9.23 -5.24
CA ILE C 63 24.40 9.88 -5.68
C ILE C 63 23.70 9.09 -6.76
N THR C 64 24.43 8.75 -7.81
CA THR C 64 23.81 8.00 -8.92
C THR C 64 23.29 6.64 -8.49
N VAL C 65 24.01 5.95 -7.59
CA VAL C 65 23.50 4.69 -7.04
C VAL C 65 22.21 4.94 -6.25
N LEU C 66 22.16 5.99 -5.43
CA LEU C 66 21.02 6.15 -4.55
C LEU C 66 19.80 6.75 -5.26
N ILE C 67 20.00 7.56 -6.29
CA ILE C 67 18.88 8.06 -7.08
C ILE C 67 18.38 7.04 -8.11
N ARG C 68 19.25 6.14 -8.53
CA ARG C 68 18.87 5.13 -9.52
C ARG C 68 18.13 3.95 -8.90
N ASN C 69 18.54 3.51 -7.71
CA ASN C 69 17.90 2.35 -7.07
C ASN C 69 16.87 2.90 -6.08
N LYS C 70 15.66 3.18 -6.59
CA LYS C 70 14.67 3.86 -5.77
C LYS C 70 14.24 3.02 -4.59
N ARG C 71 14.23 1.68 -4.75
CA ARG C 71 13.99 0.81 -3.61
C ARG C 71 15.09 0.86 -2.58
N MET C 72 16.25 1.44 -2.91
CA MET C 72 17.35 1.50 -1.96
C MET C 72 17.31 2.70 -1.04
N ARG C 73 16.45 3.70 -1.33
CA ARG C 73 16.39 4.89 -0.48
C ARG C 73 15.75 4.57 0.87
N THR C 74 16.44 3.80 1.71
CA THR C 74 16.15 3.73 3.13
C THR C 74 16.36 5.12 3.77
N VAL C 75 15.84 5.22 5.01
CA VAL C 75 16.10 6.39 5.85
C VAL C 75 17.60 6.62 6.03
N THR C 76 18.39 5.55 6.20
CA THR C 76 19.84 5.70 6.29
C THR C 76 20.39 6.13 4.96
N ASN C 77 19.94 5.50 3.86
CA ASN C 77 20.42 5.85 2.54
C ASN C 77 19.98 7.27 2.15
N ILE C 78 18.83 7.70 2.63
CA ILE C 78 18.41 9.10 2.53
C ILE C 78 19.40 10.05 3.20
N PHE C 79 19.80 9.75 4.45
CA PHE C 79 20.88 10.53 5.05
C PHE C 79 22.21 10.39 4.32
N LEU C 80 22.52 9.24 3.76
CA LEU C 80 23.78 9.09 3.03
C LEU C 80 23.77 9.88 1.72
N LEU C 81 22.60 9.99 1.08
CA LEU C 81 22.43 10.86 -0.07
C LEU C 81 22.63 12.31 0.33
N SER C 82 22.00 12.74 1.43
CA SER C 82 22.18 14.10 1.86
C SER C 82 23.63 14.40 2.21
N LEU C 83 24.29 13.48 2.87
CA LEU C 83 25.70 13.62 3.23
C LEU C 83 26.62 13.63 2.00
N ALA C 84 26.36 12.76 1.02
CA ALA C 84 27.14 12.77 -0.22
C ALA C 84 27.00 14.09 -0.99
N VAL C 85 25.77 14.62 -1.05
CA VAL C 85 25.58 15.98 -1.60
C VAL C 85 26.36 17.03 -0.79
N SER C 86 26.26 16.98 0.54
CA SER C 86 27.02 17.91 1.38
C SER C 86 28.53 17.79 1.14
N ASP C 87 29.03 16.58 0.92
CA ASP C 87 30.45 16.35 0.75
C ASP C 87 30.93 16.67 -0.64
N LEU C 88 30.10 16.47 -1.66
CA LEU C 88 30.40 16.98 -3.00
C LEU C 88 30.46 18.51 -3.00
N MET C 89 29.48 19.14 -2.35
CA MET C 89 29.48 20.61 -2.25
C MET C 89 30.67 21.13 -1.44
N LEU C 90 30.98 20.48 -0.32
CA LEU C 90 32.21 20.75 0.42
C LEU C 90 33.44 20.64 -0.47
N CYS C 91 33.53 19.58 -1.23
CA CYS C 91 34.71 19.36 -2.07
C CYS C 91 34.86 20.46 -3.10
N LEU C 92 33.80 20.65 -3.88
CA LEU C 92 33.82 21.58 -4.99
C LEU C 92 33.97 23.03 -4.56
N PHE C 93 33.36 23.45 -3.44
CA PHE C 93 33.41 24.86 -3.04
C PHE C 93 34.40 25.13 -1.90
N CYS C 94 35.07 24.12 -1.36
CA CYS C 94 36.27 24.37 -0.56
C CYS C 94 37.55 24.13 -1.35
N MET C 95 37.78 22.91 -1.82
CA MET C 95 39.16 22.53 -2.16
C MET C 95 39.82 23.47 -3.19
N PRO C 96 39.19 23.82 -4.32
CA PRO C 96 39.89 24.71 -5.26
C PRO C 96 40.10 26.08 -4.71
N PHE C 97 39.12 26.64 -3.99
CA PHE C 97 39.17 27.99 -3.43
C PHE C 97 40.06 28.06 -2.20
N ASN C 98 40.44 26.94 -1.62
CA ASN C 98 41.56 26.93 -0.68
C ASN C 98 42.91 26.79 -1.39
N LEU C 99 43.08 25.78 -2.24
CA LEU C 99 44.39 25.48 -2.80
C LEU C 99 44.92 26.63 -3.67
N ILE C 100 44.10 27.10 -4.63
CA ILE C 100 44.57 28.11 -5.56
C ILE C 100 44.97 29.40 -4.83
N PRO C 101 44.14 29.99 -3.95
CA PRO C 101 44.62 31.14 -3.19
C PRO C 101 45.81 30.84 -2.27
N ASN C 102 45.97 29.57 -1.84
CA ASN C 102 47.13 29.23 -1.01
C ASN C 102 48.36 29.03 -1.86
N LEU C 103 48.22 28.52 -3.08
CA LEU C 103 49.38 28.47 -3.97
C LEU C 103 49.78 29.86 -4.44
N LEU C 104 48.80 30.68 -4.78
CA LEU C 104 48.99 31.98 -5.42
C LEU C 104 49.11 33.11 -4.39
N LYS C 105 48.84 32.80 -3.13
CA LYS C 105 48.88 33.79 -2.04
C LYS C 105 48.07 35.05 -2.35
N ASP C 106 46.97 34.89 -3.07
CA ASP C 106 46.13 36.01 -3.45
C ASP C 106 44.78 35.51 -3.91
N PHE C 107 43.70 36.14 -3.41
CA PHE C 107 42.34 35.75 -3.78
C PHE C 107 41.99 36.40 -5.12
N ILE C 108 42.15 35.67 -6.23
CA ILE C 108 41.93 36.25 -7.56
C ILE C 108 40.45 36.47 -7.88
N PHE C 109 39.54 35.84 -7.14
CA PHE C 109 38.12 36.06 -7.37
C PHE C 109 37.61 37.32 -6.66
N GLY C 110 36.34 37.65 -6.93
CA GLY C 110 35.77 38.86 -6.39
C GLY C 110 35.10 38.66 -5.03
N SER C 111 34.69 39.79 -4.45
CA SER C 111 33.98 39.80 -3.17
C SER C 111 32.73 38.94 -3.20
N ALA C 112 31.97 38.98 -4.33
CA ALA C 112 30.79 38.12 -4.43
C ALA C 112 31.16 36.63 -4.42
N VAL C 113 32.25 36.26 -5.11
CA VAL C 113 32.72 34.87 -5.06
C VAL C 113 33.18 34.50 -3.65
N CYS C 114 33.93 35.41 -2.98
CA CYS C 114 34.33 35.20 -1.60
C CYS C 114 33.13 34.94 -0.70
N LYS C 115 32.09 35.78 -0.79
CA LYS C 115 30.85 35.53 -0.03
C LYS C 115 30.28 34.16 -0.35
N THR C 116 30.08 33.86 -1.62
CA THR C 116 29.38 32.62 -2.01
C THR C 116 30.16 31.41 -1.57
N THR C 117 31.44 31.39 -1.91
CA THR C 117 32.31 30.30 -1.54
C THR C 117 32.28 30.09 -0.04
N THR C 118 32.58 31.14 0.75
CA THR C 118 32.69 30.92 2.18
C THR C 118 31.35 30.50 2.78
N TYR C 119 30.24 30.97 2.22
CA TYR C 119 28.92 30.51 2.68
C TYR C 119 28.74 29.02 2.41
N PHE C 120 29.05 28.55 1.20
CA PHE C 120 28.88 27.13 0.89
C PHE C 120 29.85 26.26 1.68
N MET C 121 31.05 26.76 1.92
CA MET C 121 31.95 26.07 2.86
C MET C 121 31.31 25.87 4.22
N GLY C 122 30.94 26.97 4.88
CA GLY C 122 30.34 26.83 6.19
C GLY C 122 29.08 25.98 6.21
N THR C 123 28.21 26.12 5.22
CA THR C 123 27.02 25.31 5.10
C THR C 123 27.34 23.84 4.94
N SER C 124 28.26 23.50 4.03
CA SER C 124 28.60 22.10 3.83
C SER C 124 29.29 21.47 5.02
N VAL C 125 30.10 22.21 5.76
CA VAL C 125 30.67 21.71 7.02
C VAL C 125 29.55 21.46 8.03
N SER C 126 28.63 22.42 8.19
CA SER C 126 27.57 22.30 9.17
C SER C 126 26.65 21.12 8.86
N VAL C 127 26.22 20.99 7.60
CA VAL C 127 25.38 19.88 7.20
C VAL C 127 26.10 18.55 7.29
N SER C 128 27.35 18.46 6.85
CA SER C 128 28.10 17.21 6.99
C SER C 128 28.15 16.76 8.44
N THR C 129 28.49 17.69 9.34
CA THR C 129 28.52 17.40 10.75
C THR C 129 27.15 16.95 11.28
N PHE C 130 26.09 17.73 11.01
CA PHE C 130 24.78 17.39 11.55
C PHE C 130 24.24 16.08 10.99
N ASN C 131 24.55 15.78 9.73
CA ASN C 131 24.12 14.50 9.16
C ASN C 131 24.84 13.32 9.80
N LEU C 132 26.13 13.48 10.10
CA LEU C 132 26.86 12.49 10.91
C LEU C 132 26.22 12.30 12.29
N VAL C 133 25.83 13.40 12.93
CA VAL C 133 25.11 13.32 14.21
C VAL C 133 23.77 12.59 14.05
N ALA C 134 23.03 12.95 13.02
CA ALA C 134 21.75 12.31 12.79
C ALA C 134 21.86 10.81 12.50
N ILE C 135 22.83 10.40 11.70
CA ILE C 135 23.10 8.97 11.50
C ILE C 135 23.48 8.29 12.83
N SER C 136 24.23 9.00 13.68
CA SER C 136 24.58 8.47 15.01
C SER C 136 23.35 8.26 15.89
N LEU C 137 22.44 9.21 15.90
CA LEU C 137 21.24 9.06 16.71
C LEU C 137 20.24 8.08 16.11
N GLU C 138 20.17 7.99 14.78
CA GLU C 138 19.45 6.90 14.14
C GLU C 138 19.96 5.54 14.60
N ARG C 139 21.22 5.30 14.35
CA ARG C 139 21.82 4.03 14.74
C ARG C 139 21.57 3.79 16.23
N TYR C 140 21.67 4.79 17.09
CA TYR C 140 21.39 4.65 18.52
C TYR C 140 19.97 4.17 18.75
N GLY C 141 18.99 4.81 18.11
CA GLY C 141 17.63 4.31 18.16
C GLY C 141 17.50 2.88 17.64
N ALA C 142 18.01 2.62 16.46
CA ALA C 142 17.88 1.33 15.78
C ALA C 142 18.47 0.17 16.57
N ILE C 143 19.62 0.35 17.20
CA ILE C 143 20.24 -0.73 17.97
C ILE C 143 19.79 -0.71 19.43
N CYS C 144 19.81 0.44 20.07
CA CYS C 144 19.64 0.49 21.51
C CYS C 144 18.22 0.75 21.95
N LYS C 145 17.35 1.27 21.08
CA LYS C 145 15.91 1.31 21.35
C LYS C 145 15.13 0.78 20.16
N PRO C 146 15.33 -0.49 19.81
CA PRO C 146 14.99 -0.90 18.43
C PRO C 146 13.50 -0.91 18.13
N LEU C 147 12.64 -1.11 19.12
CA LEU C 147 11.19 -1.09 18.91
C LEU C 147 10.62 0.30 19.07
N GLN C 148 10.98 0.98 20.14
CA GLN C 148 10.48 2.34 20.38
C GLN C 148 10.87 3.29 19.25
N SER C 149 12.05 3.10 18.64
CA SER C 149 12.44 3.92 17.49
C SER C 149 11.57 3.69 16.25
N ARG C 150 10.88 2.56 16.13
CA ARG C 150 10.03 2.36 14.96
C ARG C 150 8.75 3.19 15.04
N VAL C 151 8.47 3.80 16.18
CA VAL C 151 7.42 4.81 16.28
C VAL C 151 7.74 6.06 15.50
N TRP C 152 9.00 6.43 15.42
CA TRP C 152 9.41 7.70 14.86
C TRP C 152 10.41 7.64 13.72
N GLN C 153 11.29 6.66 13.69
CA GLN C 153 12.23 6.54 12.58
C GLN C 153 11.50 6.07 11.34
N THR C 154 11.19 7.02 10.47
CA THR C 154 10.48 6.78 9.21
C THR C 154 10.88 7.87 8.23
N LYS C 155 10.77 7.57 6.92
CA LYS C 155 11.31 8.45 5.88
C LYS C 155 10.81 9.88 6.02
N SER C 156 9.56 10.05 6.44
CA SER C 156 9.03 11.39 6.74
C SER C 156 9.85 12.08 7.81
N HIS C 157 10.21 11.37 8.86
CA HIS C 157 11.08 11.93 9.89
C HIS C 157 12.47 12.25 9.36
N ALA C 158 13.03 11.33 8.59
CA ALA C 158 14.36 11.58 8.00
C ALA C 158 14.37 12.84 7.11
N LEU C 159 13.31 13.07 6.32
CA LEU C 159 13.19 14.32 5.54
C LEU C 159 12.99 15.54 6.43
N LYS C 160 12.16 15.42 7.46
CA LYS C 160 12.00 16.53 8.40
C LYS C 160 13.33 16.92 9.06
N VAL C 161 14.13 15.94 9.46
CA VAL C 161 15.43 16.21 10.08
C VAL C 161 16.43 16.75 9.09
N ILE C 162 16.40 16.25 7.84
CA ILE C 162 17.20 16.88 6.79
C ILE C 162 16.84 18.34 6.59
N ALA C 163 15.53 18.63 6.38
CA ALA C 163 15.12 20.01 6.18
C ALA C 163 15.47 20.90 7.37
N ALA C 164 15.31 20.40 8.59
CA ALA C 164 15.73 21.17 9.75
C ALA C 164 17.25 21.44 9.77
N THR C 165 18.08 20.41 9.54
CA THR C 165 19.54 20.58 9.56
C THR C 165 20.05 21.49 8.43
N TRP C 166 19.46 21.42 7.24
CA TRP C 166 19.80 22.39 6.19
C TRP C 166 19.40 23.81 6.53
N CYS C 167 18.15 24.01 6.88
CA CYS C 167 17.64 25.34 7.16
C CYS C 167 18.37 25.97 8.35
N LEU C 168 18.63 25.18 9.41
CA LEU C 168 19.45 25.63 10.52
C LEU C 168 20.85 26.01 10.09
N SER C 169 21.49 25.13 9.29
CA SER C 169 22.86 25.45 8.83
C SER C 169 22.91 26.71 7.96
N PHE C 170 21.98 26.88 7.04
CA PHE C 170 21.86 28.12 6.29
C PHE C 170 21.68 29.32 7.19
N THR C 171 20.76 29.24 8.15
CA THR C 171 20.53 30.37 9.06
C THR C 171 21.78 30.71 9.86
N ILE C 172 22.36 29.73 10.55
CA ILE C 172 23.49 30.00 11.43
C ILE C 172 24.71 30.47 10.65
N MET C 173 24.94 29.97 9.46
CA MET C 173 26.06 30.44 8.64
C MET C 173 25.85 31.80 7.97
N THR C 174 24.69 32.48 8.11
CA THR C 174 24.52 33.81 7.51
C THR C 174 25.55 34.89 7.88
N PRO C 175 26.28 34.86 9.00
CA PRO C 175 27.38 35.81 9.21
C PRO C 175 28.48 35.69 8.18
N TYR C 176 28.74 34.49 7.65
CA TYR C 176 29.81 34.32 6.66
C TYR C 176 29.61 35.20 5.41
N PRO C 177 28.50 35.12 4.68
CA PRO C 177 28.37 35.97 3.50
C PRO C 177 28.15 37.44 3.80
N ILE C 178 27.90 37.82 5.06
CA ILE C 178 27.93 39.22 5.47
C ILE C 178 29.33 39.74 5.74
N TYR C 179 29.98 39.22 6.78
CA TYR C 179 31.20 39.79 7.35
C TYR C 179 32.48 39.22 6.75
N SER C 180 32.39 38.38 5.72
CA SER C 180 33.60 37.94 5.04
C SER C 180 34.03 38.97 4.01
N ASN C 181 34.56 40.09 4.53
CA ASN C 181 35.09 41.13 3.66
C ASN C 181 36.37 40.67 2.99
N LEU C 182 36.51 41.04 1.72
CA LEU C 182 37.67 40.72 0.91
C LEU C 182 38.73 41.80 1.15
N VAL C 183 39.25 41.78 2.37
CA VAL C 183 40.15 42.84 2.85
C VAL C 183 41.40 42.88 2.00
N PRO C 184 41.78 44.03 1.46
CA PRO C 184 42.91 44.07 0.53
C PRO C 184 44.22 44.31 1.23
N PHE C 185 45.32 44.02 0.52
CA PHE C 185 46.69 44.33 1.00
C PHE C 185 47.59 44.53 -0.20
N THR C 186 48.91 44.63 0.04
CA THR C 186 49.93 44.62 -1.00
C THR C 186 50.97 43.57 -0.67
N LYS C 187 51.45 42.89 -1.72
CA LYS C 187 52.46 41.85 -1.57
C LYS C 187 53.83 42.50 -1.27
N ASN C 188 54.89 41.69 -1.35
CA ASN C 188 56.26 42.24 -1.34
C ASN C 188 56.51 43.22 -2.49
N ASN C 189 55.98 42.92 -3.68
CA ASN C 189 55.92 43.88 -4.76
C ASN C 189 54.81 44.92 -4.53
N ASN C 190 54.80 45.94 -5.40
CA ASN C 190 53.84 47.03 -5.25
C ASN C 190 52.43 46.72 -5.75
N GLN C 191 52.18 45.53 -6.33
CA GLN C 191 50.83 45.19 -6.75
C GLN C 191 49.96 44.95 -5.51
N THR C 192 48.76 45.54 -5.53
CA THR C 192 47.78 45.24 -4.49
C THR C 192 47.15 43.87 -4.74
N ALA C 193 46.78 43.23 -3.64
CA ALA C 193 46.19 41.89 -3.70
C ALA C 193 45.16 41.80 -2.58
N ASN C 194 44.24 40.85 -2.73
CA ASN C 194 43.10 40.71 -1.83
C ASN C 194 43.15 39.33 -1.19
N MET C 195 42.60 39.25 0.01
CA MET C 195 42.41 37.97 0.69
C MET C 195 41.04 37.87 1.33
N CYS C 196 40.39 36.75 1.10
CA CYS C 196 39.04 36.51 1.58
C CYS C 196 39.16 36.13 3.05
N ARG C 197 38.61 36.96 3.93
CA ARG C 197 38.68 36.62 5.35
C ARG C 197 37.42 37.06 6.06
N PHE C 198 37.05 36.28 7.09
CA PHE C 198 35.91 36.54 7.95
C PHE C 198 36.40 37.44 9.10
N LEU C 199 35.85 38.65 9.21
CA LEU C 199 36.18 39.53 10.33
C LEU C 199 34.88 40.07 10.95
N LEU C 200 34.31 39.28 11.88
CA LEU C 200 33.17 39.72 12.67
C LEU C 200 33.58 40.96 13.47
N PRO C 201 32.66 41.89 13.77
CA PRO C 201 33.07 43.29 14.06
C PRO C 201 34.10 43.46 15.17
N ASN C 202 34.01 42.65 16.21
CA ASN C 202 34.87 42.84 17.39
C ASN C 202 35.57 41.53 17.75
N ASP C 203 36.76 41.68 18.34
CA ASP C 203 37.55 40.55 18.80
C ASP C 203 36.79 39.63 19.74
N VAL C 204 36.02 40.20 20.68
CA VAL C 204 35.15 39.40 21.55
C VAL C 204 34.06 38.73 20.75
N MET C 205 33.52 39.41 19.74
CA MET C 205 32.50 38.79 18.90
C MET C 205 33.10 37.65 18.07
N GLN C 206 34.30 37.83 17.53
CA GLN C 206 34.99 36.77 16.82
C GLN C 206 35.32 35.57 17.71
N GLN C 207 35.65 35.84 18.98
CA GLN C 207 35.87 34.74 19.92
C GLN C 207 34.59 34.00 20.27
N SER C 208 33.51 34.75 20.53
CA SER C 208 32.21 34.15 20.81
C SER C 208 31.76 33.26 19.65
N TRP C 209 31.90 33.76 18.42
CA TRP C 209 31.51 33.03 17.22
C TRP C 209 32.26 31.70 17.11
N HIS C 210 33.59 31.78 17.11
CA HIS C 210 34.39 30.54 17.01
C HIS C 210 34.31 29.61 18.24
N THR C 211 33.90 30.10 19.41
CA THR C 211 33.61 29.21 20.52
C THR C 211 32.26 28.51 20.35
N PHE C 212 31.27 29.25 19.88
CA PHE C 212 29.97 28.66 19.58
C PHE C 212 30.10 27.60 18.50
N LEU C 213 30.85 27.92 17.42
CA LEU C 213 31.19 26.92 16.41
C LEU C 213 31.94 25.71 16.98
N LEU C 214 32.94 25.96 17.84
CA LEU C 214 33.70 24.87 18.44
C LEU C 214 32.84 23.98 19.35
N LEU C 215 31.77 24.54 19.92
CA LEU C 215 30.81 23.71 20.63
C LEU C 215 29.91 22.97 19.65
N ILE C 216 29.07 23.73 18.94
CA ILE C 216 27.96 23.19 18.15
C ILE C 216 28.36 22.37 16.92
N LEU C 217 29.55 22.60 16.35
CA LEU C 217 30.01 21.82 15.22
C LEU C 217 31.14 20.89 15.57
N PHE C 218 31.52 20.80 16.86
CA PHE C 218 32.52 19.83 17.29
C PHE C 218 32.21 19.10 18.61
N LEU C 219 32.26 19.85 19.73
CA LEU C 219 32.16 19.18 21.01
C LEU C 219 30.81 18.51 21.18
N ILE C 220 29.74 19.22 20.84
CA ILE C 220 28.40 18.64 20.93
C ILE C 220 28.23 17.50 19.92
N PRO C 221 28.54 17.70 18.62
CA PRO C 221 28.61 16.53 17.72
C PRO C 221 29.48 15.40 18.24
N GLY C 222 30.69 15.71 18.71
CA GLY C 222 31.62 14.67 19.13
C GLY C 222 31.19 13.95 20.39
N ILE C 223 30.66 14.67 21.40
CA ILE C 223 30.11 14.00 22.58
C ILE C 223 28.86 13.20 22.24
N VAL C 224 27.95 13.74 21.43
CA VAL C 224 26.77 12.99 21.03
C VAL C 224 27.13 11.74 20.23
N MET C 225 28.13 11.83 19.34
CA MET C 225 28.65 10.67 18.61
C MET C 225 29.30 9.66 19.54
N MET C 226 30.14 10.11 20.48
CA MET C 226 30.72 9.19 21.45
C MET C 226 29.68 8.51 22.34
N VAL C 227 28.65 9.24 22.77
CA VAL C 227 27.58 8.65 23.54
C VAL C 227 26.77 7.63 22.73
N ALA C 228 26.34 8.02 21.53
CA ALA C 228 25.62 7.13 20.62
C ALA C 228 26.43 5.87 20.31
N TYR C 229 27.61 6.00 19.69
CA TYR C 229 28.40 4.84 19.32
C TYR C 229 28.99 4.08 20.51
N GLY C 230 29.12 4.72 21.66
CA GLY C 230 29.54 4.02 22.87
C GLY C 230 28.43 3.17 23.47
N LEU C 231 27.22 3.69 23.53
CA LEU C 231 26.11 2.87 23.98
C LEU C 231 25.78 1.75 22.99
N ILE C 232 25.92 1.99 21.69
CA ILE C 232 25.81 0.91 20.72
C ILE C 232 26.90 -0.15 20.92
N SER C 233 28.15 0.28 21.07
CA SER C 233 29.25 -0.67 21.30
C SER C 233 29.04 -1.49 22.56
N LEU C 234 28.57 -0.85 23.62
CA LEU C 234 28.26 -1.55 24.87
C LEU C 234 27.16 -2.58 24.68
N GLU C 235 26.08 -2.21 24.00
CA GLU C 235 25.01 -3.14 23.72
C GLU C 235 25.50 -4.36 22.91
N LEU C 236 26.24 -4.11 21.82
CA LEU C 236 26.72 -5.21 20.99
C LEU C 236 27.73 -6.09 21.74
N TYR C 237 28.60 -5.48 22.55
CA TYR C 237 29.55 -6.28 23.32
C TYR C 237 28.88 -7.10 24.43
N GLN C 238 27.86 -6.52 25.10
CA GLN C 238 27.07 -7.34 26.01
C GLN C 238 26.34 -8.47 25.29
N GLY C 239 25.91 -8.26 24.05
CA GLY C 239 25.37 -9.38 23.28
C GLY C 239 26.41 -10.46 22.95
N ILE C 240 27.59 -10.04 22.53
CA ILE C 240 28.69 -10.99 22.33
C ILE C 240 28.99 -11.81 23.58
N LYS C 241 29.12 -11.12 24.73
CA LYS C 241 29.30 -11.80 26.02
C LYS C 241 28.16 -12.77 26.36
N PHE C 242 26.90 -12.38 26.09
CA PHE C 242 25.79 -13.25 26.41
C PHE C 242 25.80 -14.50 25.51
N GLU C 243 26.15 -14.34 24.23
CA GLU C 243 26.20 -15.47 23.32
C GLU C 243 27.36 -16.42 23.63
N ALA C 244 28.49 -15.87 24.08
CA ALA C 244 29.61 -16.68 24.48
C ALA C 244 29.28 -17.47 25.75
N SER C 245 28.68 -16.81 26.74
CA SER C 245 28.31 -17.50 27.97
C SER C 245 27.17 -18.51 27.77
N GLN C 246 26.25 -18.26 26.86
CA GLN C 246 25.28 -19.29 26.51
C GLN C 246 25.92 -20.42 25.71
N LYS C 247 26.97 -20.13 24.96
CA LYS C 247 27.77 -21.19 24.34
C LYS C 247 28.59 -21.98 25.37
N LYS C 248 28.89 -21.37 26.50
CA LYS C 248 29.34 -22.10 27.67
C LYS C 248 28.22 -22.83 28.39
N SER C 249 26.99 -22.80 27.85
CA SER C 249 25.82 -23.40 28.47
C SER C 249 25.71 -22.93 29.94
N ASN C 294 15.59 -9.00 28.70
CA ASN C 294 16.87 -9.64 28.92
C ASN C 294 17.27 -10.51 27.74
N ARG C 295 18.58 -10.55 27.48
CA ARG C 295 19.10 -11.09 26.23
C ARG C 295 18.86 -12.60 26.17
N ILE C 296 18.98 -13.15 24.95
CA ILE C 296 18.26 -14.36 24.59
C ILE C 296 19.21 -15.34 23.92
N ARG C 297 18.92 -16.63 24.06
CA ARG C 297 19.67 -17.67 23.37
C ARG C 297 19.59 -17.45 21.86
N SER C 298 20.74 -17.47 21.20
CA SER C 298 20.85 -17.19 19.78
C SER C 298 21.75 -18.22 19.16
N ASN C 299 21.27 -18.86 18.09
CA ASN C 299 22.16 -19.59 17.20
C ASN C 299 22.90 -18.60 16.30
N SER C 300 23.88 -17.91 16.88
CA SER C 300 24.75 -17.06 16.09
C SER C 300 25.78 -17.92 15.37
N SER C 301 25.93 -17.69 14.07
CA SER C 301 27.15 -18.12 13.39
C SER C 301 28.34 -17.29 13.82
N ALA C 302 29.54 -17.88 13.65
CA ALA C 302 30.78 -17.12 13.77
C ALA C 302 30.80 -15.90 12.85
N ALA C 303 30.16 -15.99 11.70
CA ALA C 303 30.04 -14.81 10.85
C ALA C 303 29.28 -13.67 11.52
N ASN C 304 28.28 -13.97 12.37
CA ASN C 304 27.56 -12.92 13.10
C ASN C 304 28.42 -12.26 14.20
N LEU C 305 29.20 -13.07 14.93
CA LEU C 305 30.19 -12.50 15.86
C LEU C 305 31.21 -11.64 15.12
N MET C 306 31.73 -12.12 14.00
CA MET C 306 32.66 -11.33 13.20
C MET C 306 32.01 -10.02 12.72
N ALA C 307 30.76 -10.10 12.27
CA ALA C 307 30.04 -8.89 11.86
C ALA C 307 29.85 -7.90 13.00
N LYS C 308 29.51 -8.38 14.20
CA LYS C 308 29.35 -7.47 15.34
C LYS C 308 30.67 -6.81 15.74
N LYS C 309 31.76 -7.59 15.75
CA LYS C 309 33.08 -7.02 15.95
C LYS C 309 33.44 -6.00 14.88
N ARG C 310 33.17 -6.31 13.62
CA ARG C 310 33.41 -5.36 12.54
C ARG C 310 32.59 -4.09 12.68
N VAL C 311 31.35 -4.20 13.13
CA VAL C 311 30.55 -3.01 13.44
C VAL C 311 31.20 -2.18 14.54
N ILE C 312 31.63 -2.81 15.62
CA ILE C 312 32.36 -2.10 16.69
C ILE C 312 33.58 -1.36 16.16
N ARG C 313 34.38 -2.06 15.36
CA ARG C 313 35.58 -1.46 14.76
C ARG C 313 35.24 -0.31 13.83
N MET C 314 34.19 -0.44 13.04
CA MET C 314 33.71 0.65 12.20
C MET C 314 33.26 1.84 13.02
N LEU C 315 32.60 1.60 14.16
CA LEU C 315 32.15 2.71 14.99
C LEU C 315 33.30 3.44 15.65
N ILE C 316 34.31 2.71 16.07
CA ILE C 316 35.52 3.33 16.60
C ILE C 316 36.30 4.06 15.49
N VAL C 317 36.40 3.46 14.30
CA VAL C 317 37.03 4.14 13.17
C VAL C 317 36.29 5.44 12.83
N ILE C 318 34.97 5.42 12.88
CA ILE C 318 34.18 6.63 12.62
C ILE C 318 34.49 7.72 13.63
N VAL C 319 34.41 7.39 14.92
CA VAL C 319 34.70 8.39 15.95
C VAL C 319 36.13 8.91 15.84
N VAL C 320 37.10 8.02 15.64
CA VAL C 320 38.52 8.45 15.56
C VAL C 320 38.77 9.31 14.34
N LEU C 321 38.29 8.89 13.17
CA LEU C 321 38.48 9.70 11.98
C LEU C 321 37.74 11.03 12.04
N PHE C 322 36.62 11.08 12.77
CA PHE C 322 35.96 12.36 12.99
C PHE C 322 36.82 13.31 13.81
N PHE C 323 37.35 12.83 14.94
CA PHE C 323 38.23 13.65 15.74
C PHE C 323 39.52 14.01 15.01
N LEU C 324 40.08 13.08 14.27
CA LEU C 324 41.28 13.35 13.45
C LEU C 324 41.01 14.37 12.34
N CYS C 325 39.82 14.33 11.73
CA CYS C 325 39.53 15.30 10.71
C CYS C 325 39.17 16.68 11.26
N TRP C 326 38.49 16.79 12.41
CA TRP C 326 37.95 18.09 12.78
C TRP C 326 38.60 18.75 14.00
N MET C 327 39.21 17.99 14.93
CA MET C 327 39.97 18.68 15.97
C MET C 327 41.09 19.58 15.43
N PRO C 328 41.85 19.22 14.39
CA PRO C 328 42.87 20.15 13.89
C PRO C 328 42.32 21.51 13.43
N ILE C 329 41.27 21.53 12.59
CA ILE C 329 40.74 22.78 12.05
C ILE C 329 40.04 23.62 13.11
N PHE C 330 39.22 23.02 13.94
CA PHE C 330 38.52 23.78 14.95
C PHE C 330 39.46 24.20 16.08
N SER C 331 40.51 23.41 16.34
CA SER C 331 41.55 23.88 17.27
C SER C 331 42.37 25.03 16.66
N ALA C 332 42.69 24.94 15.37
CA ALA C 332 43.38 26.05 14.74
C ALA C 332 42.54 27.31 14.74
N ASN C 333 41.25 27.18 14.45
CA ASN C 333 40.36 28.32 14.52
C ASN C 333 40.19 28.86 15.91
N ALA C 334 40.21 28.02 16.95
CA ALA C 334 40.24 28.57 18.31
C ALA C 334 41.53 29.31 18.62
N TRP C 335 42.66 28.79 18.14
CA TRP C 335 43.93 29.50 18.33
C TRP C 335 43.94 30.85 17.62
N ARG C 336 43.48 30.90 16.38
CA ARG C 336 43.36 32.17 15.68
C ARG C 336 42.35 33.09 16.36
N ALA C 337 41.29 32.55 16.96
CA ALA C 337 40.33 33.42 17.61
C ALA C 337 40.91 34.04 18.90
N TYR C 338 41.70 33.29 19.65
CA TYR C 338 42.25 33.73 20.92
C TYR C 338 43.66 34.32 20.87
N ASP C 339 44.52 33.86 19.96
CA ASP C 339 45.91 34.34 19.88
C ASP C 339 46.32 34.70 18.47
N THR C 340 45.48 35.51 17.80
CA THR C 340 45.45 35.60 16.34
C THR C 340 46.83 35.69 15.66
N ALA C 341 47.66 36.63 16.09
CA ALA C 341 48.97 36.79 15.50
C ALA C 341 49.82 35.54 15.65
N SER C 342 49.97 35.04 16.88
CA SER C 342 50.80 33.85 17.14
C SER C 342 50.28 32.62 16.39
N ALA C 343 48.98 32.53 16.21
CA ALA C 343 48.39 31.41 15.49
C ALA C 343 48.68 31.51 14.01
N GLU C 344 48.41 32.67 13.39
CA GLU C 344 48.59 32.75 11.95
C GLU C 344 50.06 32.71 11.57
N ARG C 345 50.92 33.22 12.45
CA ARG C 345 52.37 33.19 12.19
C ARG C 345 52.77 31.74 12.03
N ARG C 346 52.32 30.91 12.95
CA ARG C 346 52.74 29.51 12.99
C ARG C 346 52.03 28.60 11.98
N LEU C 347 50.72 28.82 11.74
CA LEU C 347 49.95 27.90 10.90
C LEU C 347 49.68 28.34 9.47
N SER C 348 49.88 29.61 9.14
CA SER C 348 49.56 30.11 7.80
C SER C 348 50.42 29.46 6.72
N GLY C 349 49.84 29.32 5.52
CA GLY C 349 50.51 28.66 4.41
C GLY C 349 50.32 27.15 4.44
N THR C 350 51.42 26.42 4.28
CA THR C 350 51.34 24.96 4.19
C THR C 350 50.64 24.25 5.35
N PRO C 351 50.92 24.58 6.63
CA PRO C 351 50.35 23.76 7.72
C PRO C 351 48.84 23.77 7.69
N ILE C 352 48.23 24.93 7.58
CA ILE C 352 46.78 25.00 7.57
C ILE C 352 46.25 24.37 6.29
N SER C 353 47.00 24.43 5.19
CA SER C 353 46.60 23.73 3.97
C SER C 353 46.44 22.23 4.18
N PHE C 354 47.36 21.63 4.96
CA PHE C 354 47.17 20.22 5.29
C PHE C 354 46.10 19.96 6.34
N ILE C 355 45.96 20.86 7.31
CA ILE C 355 44.84 20.76 8.27
C ILE C 355 43.49 20.77 7.54
N LEU C 356 43.35 21.63 6.54
CA LEU C 356 42.16 21.64 5.72
C LEU C 356 42.07 20.45 4.82
N LEU C 357 43.22 19.97 4.31
CA LEU C 357 43.19 18.74 3.53
C LEU C 357 42.65 17.57 4.34
N LEU C 358 43.05 17.45 5.62
CA LEU C 358 42.42 16.45 6.48
C LEU C 358 40.92 16.70 6.67
N SER C 359 40.53 17.96 6.90
CA SER C 359 39.12 18.28 7.04
C SER C 359 38.30 17.84 5.84
N TYR C 360 38.82 18.06 4.63
CA TYR C 360 38.10 17.60 3.46
C TYR C 360 38.28 16.10 3.22
N THR C 361 39.35 15.52 3.77
CA THR C 361 39.50 14.06 3.77
C THR C 361 38.35 13.40 4.51
N SER C 362 37.76 14.10 5.46
CA SER C 362 36.52 13.62 6.07
C SER C 362 35.44 13.39 5.00
N SER C 363 35.32 14.35 4.06
CA SER C 363 34.35 14.22 2.97
C SER C 363 34.61 13.06 2.01
N CYS C 364 35.83 12.51 1.99
CA CYS C 364 36.10 11.27 1.26
C CYS C 364 35.89 10.04 2.14
N VAL C 365 36.32 10.10 3.41
CA VAL C 365 36.19 8.98 4.33
C VAL C 365 34.72 8.63 4.54
N ASN C 366 33.86 9.65 4.63
CA ASN C 366 32.46 9.39 4.89
C ASN C 366 31.78 8.55 3.82
N PRO C 367 31.83 8.89 2.53
CA PRO C 367 31.23 7.97 1.54
C PRO C 367 31.86 6.59 1.49
N ILE C 368 33.12 6.43 1.88
CA ILE C 368 33.72 5.09 1.97
C ILE C 368 33.06 4.30 3.07
N ILE C 369 33.16 4.77 4.32
CA ILE C 369 32.65 4.01 5.48
C ILE C 369 31.16 3.75 5.31
N TYR C 370 30.40 4.79 4.95
CA TYR C 370 28.96 4.62 4.97
C TYR C 370 28.39 3.97 3.71
N CYS C 371 29.08 4.00 2.57
CA CYS C 371 28.54 3.43 1.33
C CYS C 371 29.42 2.32 0.80
N PHE C 372 30.69 2.61 0.45
CA PHE C 372 31.52 1.60 -0.20
C PHE C 372 31.87 0.45 0.72
N MET C 373 32.02 0.69 2.03
CA MET C 373 32.16 -0.42 2.96
C MET C 373 30.94 -1.34 2.95
N ASN C 374 29.75 -0.77 2.78
CA ASN C 374 28.54 -1.56 2.97
C ASN C 374 28.26 -2.46 1.76
N LYS C 375 28.06 -3.75 2.03
CA LYS C 375 27.88 -4.71 0.96
C LYS C 375 26.63 -4.44 0.12
N ARG C 376 25.55 -3.98 0.75
CA ARG C 376 24.31 -3.69 0.03
C ARG C 376 24.48 -2.53 -0.95
N PHE C 377 25.14 -1.45 -0.54
CA PHE C 377 25.43 -0.36 -1.46
C PHE C 377 26.36 -0.78 -2.58
N ARG C 378 27.36 -1.59 -2.29
CA ARG C 378 28.20 -2.15 -3.34
C ARG C 378 27.38 -2.97 -4.34
N LEU C 379 26.45 -3.78 -3.84
CA LEU C 379 25.56 -4.55 -4.72
C LEU C 379 24.64 -3.65 -5.53
N GLY C 380 24.20 -2.53 -4.99
CA GLY C 380 23.46 -1.58 -5.77
C GLY C 380 24.30 -0.91 -6.83
N PHE C 381 25.58 -0.72 -6.55
CA PHE C 381 26.50 -0.18 -7.54
C PHE C 381 26.75 -1.16 -8.67
N MET C 382 26.87 -2.44 -8.35
CA MET C 382 26.87 -3.44 -9.40
C MET C 382 25.50 -3.52 -10.09
N ALA C 383 24.41 -3.35 -9.34
CA ALA C 383 23.09 -3.34 -9.95
C ALA C 383 22.77 -2.03 -10.67
N THR C 384 23.70 -1.10 -10.77
CA THR C 384 23.41 0.19 -11.40
C THR C 384 24.61 0.62 -12.25
N PHE C 385 24.62 1.90 -12.65
CA PHE C 385 25.70 2.42 -13.51
C PHE C 385 27.04 2.41 -12.80
N ASN D 5 -23.74 -44.76 -4.64
CA ASN D 5 -24.22 -45.26 -3.35
C ASN D 5 -23.26 -44.93 -2.21
N THR D 6 -23.78 -44.98 -0.98
CA THR D 6 -23.04 -44.59 0.22
C THR D 6 -22.08 -45.71 0.65
N ALA D 7 -21.03 -45.89 -0.16
CA ALA D 7 -20.10 -46.99 0.05
C ALA D 7 -18.69 -46.46 -0.16
N SER D 8 -17.72 -47.27 0.28
CA SER D 8 -16.32 -46.90 0.30
C SER D 8 -15.71 -46.77 -1.08
N ILE D 9 -16.47 -47.02 -2.14
CA ILE D 9 -15.99 -46.81 -3.50
C ILE D 9 -16.55 -45.54 -4.13
N ALA D 10 -17.38 -44.80 -3.40
CA ALA D 10 -18.17 -43.70 -3.98
C ALA D 10 -17.31 -42.63 -4.59
N GLN D 11 -16.20 -42.28 -3.95
CA GLN D 11 -15.27 -41.32 -4.53
C GLN D 11 -14.71 -41.78 -5.87
N ALA D 12 -14.71 -43.07 -6.19
CA ALA D 12 -14.30 -43.52 -7.52
C ALA D 12 -15.47 -43.57 -8.51
N ARG D 13 -16.62 -44.09 -8.07
CA ARG D 13 -17.80 -44.19 -8.93
C ARG D 13 -18.30 -42.82 -9.39
N LYS D 14 -18.27 -41.83 -8.48
CA LYS D 14 -18.67 -40.47 -8.83
C LYS D 14 -17.72 -39.86 -9.86
N LEU D 15 -16.43 -40.19 -9.75
CA LEU D 15 -15.45 -39.75 -10.73
C LEU D 15 -15.70 -40.39 -12.09
N VAL D 16 -15.99 -41.69 -12.12
CA VAL D 16 -16.37 -42.37 -13.36
C VAL D 16 -17.61 -41.76 -13.98
N GLU D 17 -18.62 -41.48 -13.15
CA GLU D 17 -19.83 -40.80 -13.63
C GLU D 17 -19.50 -39.44 -14.26
N GLN D 18 -18.60 -38.68 -13.63
CA GLN D 18 -18.21 -37.38 -14.17
C GLN D 18 -17.36 -37.50 -15.41
N LEU D 19 -16.53 -38.52 -15.49
CA LEU D 19 -15.60 -38.65 -16.61
C LEU D 19 -16.29 -39.23 -17.83
N LYS D 20 -17.25 -40.13 -17.63
CA LYS D 20 -18.13 -40.56 -18.70
C LYS D 20 -19.07 -39.44 -19.13
N MET D 21 -19.54 -38.60 -18.20
CA MET D 21 -20.28 -37.40 -18.63
C MET D 21 -19.43 -36.49 -19.50
N GLU D 22 -18.17 -36.29 -19.11
CA GLU D 22 -17.24 -35.51 -19.95
C GLU D 22 -16.89 -36.21 -21.27
N ALA D 23 -16.81 -37.54 -21.28
CA ALA D 23 -16.54 -38.22 -22.54
C ALA D 23 -17.65 -37.99 -23.58
N ASN D 24 -18.91 -38.02 -23.16
CA ASN D 24 -20.04 -38.00 -24.08
C ASN D 24 -20.31 -36.63 -24.69
N ILE D 25 -19.66 -35.56 -24.21
CA ILE D 25 -19.94 -34.21 -24.72
C ILE D 25 -19.55 -34.09 -26.19
N ASP D 26 -20.42 -33.43 -26.95
CA ASP D 26 -20.16 -33.13 -28.35
C ASP D 26 -19.02 -32.13 -28.47
N ARG D 27 -18.19 -32.30 -29.50
CA ARG D 27 -17.01 -31.48 -29.64
C ARG D 27 -16.96 -30.88 -31.02
N ILE D 28 -16.56 -29.61 -31.09
CA ILE D 28 -16.37 -28.88 -32.35
C ILE D 28 -14.89 -28.93 -32.70
N LYS D 29 -14.60 -29.08 -33.99
CA LYS D 29 -13.20 -29.09 -34.44
C LYS D 29 -12.50 -27.76 -34.10
N VAL D 30 -11.18 -27.87 -33.81
CA VAL D 30 -10.32 -26.71 -33.57
C VAL D 30 -10.30 -25.76 -34.78
N SER D 31 -10.51 -26.28 -35.98
CA SER D 31 -10.65 -25.41 -37.15
C SER D 31 -11.81 -24.42 -36.96
N LYS D 32 -12.94 -24.89 -36.48
CA LYS D 32 -14.09 -24.00 -36.29
C LYS D 32 -14.01 -23.22 -34.99
N ALA D 33 -13.42 -23.77 -33.94
CA ALA D 33 -13.12 -22.96 -32.74
C ALA D 33 -12.23 -21.77 -33.10
N ALA D 34 -11.15 -22.04 -33.85
CA ALA D 34 -10.27 -20.98 -34.27
C ALA D 34 -10.97 -19.99 -35.21
N ALA D 35 -11.75 -20.47 -36.16
CA ALA D 35 -12.48 -19.55 -37.03
C ALA D 35 -13.46 -18.68 -36.25
N ASP D 36 -14.11 -19.24 -35.24
CA ASP D 36 -14.98 -18.46 -34.35
C ASP D 36 -14.22 -17.38 -33.56
N LEU D 37 -13.06 -17.73 -32.99
CA LEU D 37 -12.26 -16.73 -32.29
C LEU D 37 -11.69 -15.65 -33.22
N MET D 38 -11.31 -16.02 -34.45
CA MET D 38 -10.92 -15.02 -35.45
C MET D 38 -12.09 -14.09 -35.79
N ALA D 39 -13.27 -14.68 -36.07
CA ALA D 39 -14.44 -13.87 -36.41
C ALA D 39 -14.77 -12.89 -35.31
N TYR D 40 -14.68 -13.33 -34.05
CA TYR D 40 -14.93 -12.42 -32.93
C TYR D 40 -13.84 -11.35 -32.78
N CYS D 41 -12.57 -11.71 -32.94
CA CYS D 41 -11.51 -10.71 -32.92
C CYS D 41 -11.68 -9.67 -34.02
N GLU D 42 -12.03 -10.12 -35.24
CA GLU D 42 -12.25 -9.17 -36.34
C GLU D 42 -13.45 -8.27 -36.10
N ALA D 43 -14.61 -8.86 -35.77
CA ALA D 43 -15.81 -8.07 -35.56
C ALA D 43 -15.68 -7.06 -34.43
N HIS D 44 -14.79 -7.31 -33.46
CA HIS D 44 -14.60 -6.40 -32.33
C HIS D 44 -13.29 -5.64 -32.33
N ALA D 45 -12.54 -5.63 -33.44
CA ALA D 45 -11.28 -4.92 -33.47
C ALA D 45 -11.49 -3.41 -33.31
N LYS D 46 -12.54 -2.86 -33.92
CA LYS D 46 -12.90 -1.47 -33.74
C LYS D 46 -13.36 -1.19 -32.29
N GLU D 47 -14.09 -2.11 -31.68
CA GLU D 47 -14.58 -2.00 -30.32
C GLU D 47 -13.52 -2.46 -29.31
N ASP D 48 -12.26 -2.22 -29.61
CA ASP D 48 -11.16 -2.52 -28.67
C ASP D 48 -10.23 -1.31 -28.62
N PRO D 49 -10.36 -0.46 -27.58
CA PRO D 49 -9.53 0.75 -27.44
C PRO D 49 -8.08 0.47 -27.06
N LEU D 50 -7.66 -0.80 -27.06
CA LEU D 50 -6.29 -1.19 -26.82
C LEU D 50 -5.63 -1.82 -28.04
N LEU D 51 -6.39 -2.59 -28.83
CA LEU D 51 -5.85 -3.12 -30.08
C LEU D 51 -5.35 -2.01 -31.00
N THR D 52 -6.06 -0.86 -30.98
CA THR D 52 -5.58 0.39 -31.57
C THR D 52 -5.55 1.48 -30.50
N PRO D 53 -4.60 2.43 -30.61
CA PRO D 53 -4.74 3.69 -29.90
C PRO D 53 -6.01 4.43 -30.29
N VAL D 54 -6.46 5.25 -29.36
CA VAL D 54 -7.70 6.01 -29.48
C VAL D 54 -7.43 7.48 -29.08
N PRO D 55 -7.96 8.45 -29.81
CA PRO D 55 -7.57 9.85 -29.60
C PRO D 55 -7.86 10.35 -28.18
N ALA D 56 -7.11 11.39 -27.79
CA ALA D 56 -7.11 11.91 -26.42
C ALA D 56 -8.46 12.50 -26.00
N SER D 57 -9.29 12.91 -26.96
CA SER D 57 -10.65 13.34 -26.66
C SER D 57 -11.56 12.15 -26.37
N GLU D 58 -11.38 11.03 -27.10
CA GLU D 58 -12.16 9.82 -26.87
C GLU D 58 -11.65 9.06 -25.65
N ASN D 59 -10.36 9.14 -25.35
CA ASN D 59 -9.78 8.48 -24.18
C ASN D 59 -10.05 9.27 -22.91
N PRO D 60 -10.86 8.75 -21.98
CA PRO D 60 -11.13 9.49 -20.74
C PRO D 60 -9.95 9.59 -19.80
N PHE D 61 -8.92 8.78 -19.98
CA PHE D 61 -7.71 8.82 -19.17
C PHE D 61 -6.62 9.70 -19.78
N ARG D 62 -6.77 10.13 -21.02
CA ARG D 62 -5.74 10.98 -21.60
C ARG D 62 -5.80 12.39 -21.05
N GLU D 63 -6.99 12.86 -20.66
CA GLU D 63 -7.12 14.07 -19.86
C GLU D 63 -6.65 13.83 -18.42
N VAL E 1 -32.36 7.19 9.59
CA VAL E 1 -31.63 8.45 9.51
C VAL E 1 -32.53 9.59 9.98
N GLN E 2 -31.99 10.43 10.88
CA GLN E 2 -32.77 11.54 11.43
C GLN E 2 -31.92 12.80 11.48
N LEU E 3 -32.56 13.93 11.16
CA LEU E 3 -32.10 15.23 11.57
C LEU E 3 -33.24 15.90 12.32
N VAL E 4 -32.96 16.41 13.52
CA VAL E 4 -33.94 17.19 14.25
C VAL E 4 -33.34 18.56 14.60
N GLU E 5 -33.81 19.58 13.88
CA GLU E 5 -33.40 20.95 14.14
C GLU E 5 -34.15 21.54 15.33
N SER E 6 -33.46 22.39 16.09
CA SER E 6 -34.04 22.97 17.29
C SER E 6 -33.29 24.25 17.65
N GLY E 7 -33.89 25.06 18.54
CA GLY E 7 -33.33 26.35 18.88
C GLY E 7 -33.73 27.45 17.91
N GLY E 8 -34.85 27.30 17.20
CA GLY E 8 -35.50 28.41 16.52
C GLY E 8 -36.33 29.25 17.47
N GLY E 9 -37.41 29.83 16.94
CA GLY E 9 -38.28 30.71 17.69
C GLY E 9 -38.24 32.16 17.26
N LEU E 10 -38.55 33.07 18.19
CA LEU E 10 -38.58 34.49 17.97
C LEU E 10 -37.38 35.18 18.66
N VAL E 11 -36.69 36.04 17.89
CA VAL E 11 -35.60 36.88 18.38
C VAL E 11 -35.84 38.30 17.92
N GLN E 12 -35.31 39.24 18.69
CA GLN E 12 -35.27 40.62 18.27
C GLN E 12 -34.16 40.81 17.23
N PRO E 13 -34.42 41.63 16.21
CA PRO E 13 -33.40 41.89 15.21
C PRO E 13 -32.18 42.56 15.82
N GLY E 14 -31.03 42.26 15.25
CA GLY E 14 -29.75 42.56 15.86
C GLY E 14 -29.31 41.59 16.92
N GLY E 15 -30.21 40.74 17.41
CA GLY E 15 -29.84 39.69 18.32
C GLY E 15 -29.07 38.56 17.66
N SER E 16 -28.74 37.57 18.49
CA SER E 16 -27.98 36.41 18.05
C SER E 16 -28.59 35.17 18.69
N ARG E 17 -28.60 34.07 17.95
CA ARG E 17 -29.10 32.81 18.46
C ARG E 17 -28.38 31.69 17.77
N LYS E 18 -28.06 30.64 18.52
CA LYS E 18 -27.51 29.40 17.98
C LYS E 18 -28.65 28.41 17.85
N LEU E 19 -29.19 28.23 16.63
CA LEU E 19 -29.96 27.06 16.32
C LEU E 19 -29.06 25.88 15.93
N SER E 20 -29.53 24.69 16.24
CA SER E 20 -28.73 23.47 16.11
C SER E 20 -29.54 22.34 15.52
N CYS E 21 -28.87 21.30 15.04
CA CYS E 21 -29.54 20.04 14.79
C CYS E 21 -28.59 18.90 15.08
N SER E 22 -29.16 17.82 15.62
CA SER E 22 -28.42 16.60 15.96
C SER E 22 -28.75 15.47 14.98
N ALA E 23 -27.72 14.78 14.50
CA ALA E 23 -27.85 13.65 13.58
C ALA E 23 -27.92 12.33 14.31
N SER E 24 -28.71 11.42 13.77
CA SER E 24 -28.72 10.06 14.27
C SER E 24 -28.96 9.10 13.10
N GLY E 25 -28.41 7.89 13.23
CA GLY E 25 -28.61 6.87 12.25
C GLY E 25 -27.74 6.99 11.02
N PHE E 26 -26.79 7.91 10.99
CA PHE E 26 -25.83 7.96 9.91
C PHE E 26 -24.48 8.47 10.42
N ALA E 27 -23.43 8.17 9.65
CA ALA E 27 -22.05 8.59 9.92
C ALA E 27 -21.88 10.07 9.57
N PHE E 28 -22.37 10.93 10.48
CA PHE E 28 -22.42 12.36 10.24
C PHE E 28 -21.07 12.93 9.81
N SER E 29 -19.96 12.45 10.39
CA SER E 29 -18.63 12.93 10.01
C SER E 29 -18.32 12.65 8.54
N SER E 30 -18.89 11.57 7.97
CA SER E 30 -18.72 11.27 6.54
C SER E 30 -19.45 12.28 5.66
N PHE E 31 -20.59 12.79 6.12
CA PHE E 31 -21.36 13.71 5.32
C PHE E 31 -20.88 15.15 5.44
N GLY E 32 -20.90 15.85 4.32
CA GLY E 32 -20.99 17.29 4.32
C GLY E 32 -22.40 17.76 4.62
N MET E 33 -22.49 18.94 5.23
CA MET E 33 -23.77 19.47 5.70
C MET E 33 -24.03 20.83 5.09
N HIS E 34 -25.22 21.03 4.58
CA HIS E 34 -25.69 22.33 4.10
C HIS E 34 -26.77 22.84 5.04
N TRP E 35 -26.85 24.17 5.14
CA TRP E 35 -28.08 24.83 5.59
C TRP E 35 -28.80 25.43 4.40
N VAL E 36 -30.09 25.13 4.28
CA VAL E 36 -30.97 25.74 3.30
C VAL E 36 -32.16 26.32 4.04
N ARG E 37 -32.49 27.59 3.73
CA ARG E 37 -33.55 28.31 4.40
C ARG E 37 -34.68 28.59 3.44
N GLN E 38 -35.86 28.82 4.02
CA GLN E 38 -37.06 29.09 3.23
C GLN E 38 -37.88 30.17 3.94
N ALA E 39 -37.91 31.37 3.35
CA ALA E 39 -38.71 32.45 3.90
C ALA E 39 -40.21 32.10 3.81
N PRO E 40 -41.04 32.80 4.59
CA PRO E 40 -42.35 32.22 4.92
C PRO E 40 -43.24 31.97 3.69
N GLU E 41 -42.98 32.64 2.56
CA GLU E 41 -43.71 32.38 1.32
C GLU E 41 -42.81 32.45 0.08
N LYS E 42 -41.55 32.04 0.22
CA LYS E 42 -40.56 32.22 -0.82
C LYS E 42 -39.74 30.92 -0.98
N GLY E 43 -38.92 30.90 -2.03
CA GLY E 43 -38.20 29.72 -2.37
C GLY E 43 -37.01 29.43 -1.49
N LEU E 44 -36.41 28.29 -1.75
CA LEU E 44 -35.26 27.84 -0.99
C LEU E 44 -34.06 28.72 -1.27
N GLU E 45 -33.22 28.85 -0.26
CA GLU E 45 -31.96 29.57 -0.39
C GLU E 45 -30.88 28.85 0.41
N TRP E 46 -29.76 28.57 -0.24
CA TRP E 46 -28.62 27.96 0.44
C TRP E 46 -27.88 28.98 1.29
N VAL E 47 -27.66 28.62 2.54
CA VAL E 47 -27.04 29.47 3.55
C VAL E 47 -25.56 29.18 3.70
N ALA E 48 -25.24 27.92 3.97
CA ALA E 48 -23.87 27.57 4.29
C ALA E 48 -23.62 26.10 3.96
N TYR E 49 -22.35 25.72 3.84
CA TYR E 49 -21.92 24.34 3.69
C TYR E 49 -20.70 24.13 4.58
N ILE E 50 -20.65 22.97 5.25
CA ILE E 50 -19.43 22.51 5.91
C ILE E 50 -19.21 21.04 5.56
N SER E 51 -18.04 20.75 5.00
CA SER E 51 -17.75 19.43 4.47
C SER E 51 -17.30 18.48 5.57
N SER E 52 -17.05 17.24 5.18
CA SER E 52 -16.43 16.29 6.10
C SER E 52 -15.08 16.84 6.54
N GLY E 53 -14.87 16.84 7.85
CA GLY E 53 -13.67 17.36 8.47
C GLY E 53 -13.60 18.86 8.65
N SER E 54 -14.71 19.58 8.45
CA SER E 54 -14.81 21.02 8.67
C SER E 54 -13.95 21.82 7.68
N GLY E 55 -13.45 21.19 6.61
CA GLY E 55 -12.83 21.94 5.54
C GLY E 55 -13.85 22.56 4.59
N THR E 56 -13.31 23.38 3.70
CA THR E 56 -14.01 24.01 2.56
C THR E 56 -15.36 24.56 2.97
N ILE E 57 -15.41 25.17 4.16
CA ILE E 57 -16.56 25.98 4.56
C ILE E 57 -16.89 27.05 3.52
N TYR E 58 -18.18 27.21 3.24
CA TYR E 58 -18.67 28.25 2.36
C TYR E 58 -19.96 28.86 2.92
N TYR E 59 -20.23 30.10 2.53
CA TYR E 59 -21.42 30.82 2.95
C TYR E 59 -22.03 31.51 1.76
N ALA E 60 -23.28 31.90 1.91
CA ALA E 60 -23.85 32.82 0.94
C ALA E 60 -23.44 34.25 1.28
N ASP E 61 -23.39 35.09 0.25
CA ASP E 61 -23.07 36.49 0.45
C ASP E 61 -24.04 37.17 1.40
N THR E 62 -25.28 36.66 1.47
CA THR E 62 -26.28 37.17 2.41
C THR E 62 -25.99 36.84 3.87
N VAL E 63 -25.06 35.93 4.15
CA VAL E 63 -24.77 35.47 5.50
C VAL E 63 -23.27 35.41 5.76
N LYS E 64 -22.47 35.73 4.75
CA LYS E 64 -21.02 35.63 4.91
C LYS E 64 -20.54 36.56 6.02
N GLY E 65 -19.64 36.02 6.85
CA GLY E 65 -19.06 36.73 7.97
C GLY E 65 -19.98 36.88 9.16
N ARG E 66 -21.25 37.22 8.90
CA ARG E 66 -22.25 37.42 9.94
C ARG E 66 -22.77 36.12 10.53
N PHE E 67 -22.76 35.05 9.75
CA PHE E 67 -23.04 33.71 10.20
C PHE E 67 -21.80 32.82 10.15
N THR E 68 -21.68 31.89 11.11
CA THR E 68 -20.61 30.92 11.09
C THR E 68 -21.17 29.52 11.27
N ILE E 69 -20.70 28.59 10.46
CA ILE E 69 -21.11 27.20 10.45
C ILE E 69 -20.04 26.33 11.08
N SER E 70 -20.46 25.46 12.00
CA SER E 70 -19.53 24.58 12.73
C SER E 70 -20.26 23.26 12.96
N ARG E 71 -19.47 22.23 13.28
CA ARG E 71 -19.98 20.88 13.54
C ARG E 71 -19.15 20.28 14.69
N ASP E 72 -19.82 19.56 15.58
CA ASP E 72 -19.17 18.73 16.56
C ASP E 72 -19.35 17.28 16.12
N ASP E 73 -18.41 16.82 15.28
CA ASP E 73 -18.47 15.44 14.81
C ASP E 73 -18.50 14.38 15.90
N PRO E 74 -17.76 14.50 17.01
CA PRO E 74 -17.91 13.50 18.10
C PRO E 74 -19.31 13.45 18.66
N LYS E 75 -20.01 14.57 18.75
CA LYS E 75 -21.38 14.61 19.22
C LYS E 75 -22.42 14.42 18.12
N ASN E 76 -21.97 14.19 16.88
CA ASN E 76 -22.79 14.14 15.69
C ASN E 76 -23.84 15.24 15.63
N THR E 77 -23.45 16.47 15.97
CA THR E 77 -24.37 17.61 16.08
C THR E 77 -23.81 18.76 15.28
N LEU E 78 -24.68 19.43 14.56
CA LEU E 78 -24.34 20.61 13.77
C LEU E 78 -24.88 21.85 14.43
N PHE E 79 -24.10 22.94 14.40
CA PHE E 79 -24.55 24.21 14.97
C PHE E 79 -24.37 25.32 13.95
N LEU E 80 -25.40 26.13 13.81
CA LEU E 80 -25.31 27.40 13.09
C LEU E 80 -25.45 28.53 14.09
N GLN E 81 -24.31 29.10 14.50
CA GLN E 81 -24.29 30.30 15.32
C GLN E 81 -24.52 31.49 14.42
N MET E 82 -25.76 32.00 14.43
CA MET E 82 -26.12 33.23 13.71
C MET E 82 -25.82 34.44 14.59
N THR E 83 -25.39 35.53 13.96
CA THR E 83 -25.17 36.80 14.64
C THR E 83 -25.61 37.93 13.72
N SER E 84 -25.92 39.08 14.33
CA SER E 84 -26.42 40.23 13.59
C SER E 84 -27.67 39.88 12.80
N LEU E 85 -28.58 39.17 13.46
CA LEU E 85 -29.78 38.66 12.78
C LEU E 85 -30.64 39.80 12.26
N ARG E 86 -31.29 39.58 11.12
CA ARG E 86 -32.01 40.62 10.42
C ARG E 86 -33.37 40.08 10.00
N SER E 87 -34.28 41.01 9.66
CA SER E 87 -35.62 40.64 9.20
C SER E 87 -35.59 39.68 8.01
N GLU E 88 -34.65 39.89 7.09
CA GLU E 88 -34.46 38.98 5.96
C GLU E 88 -33.90 37.63 6.34
N ASP E 89 -33.49 37.42 7.60
CA ASP E 89 -33.12 36.11 8.10
C ASP E 89 -34.30 35.31 8.63
N THR E 90 -35.52 35.86 8.67
CA THR E 90 -36.67 35.05 9.08
C THR E 90 -36.91 33.96 8.04
N ALA E 91 -36.86 32.69 8.46
CA ALA E 91 -36.99 31.54 7.56
C ALA E 91 -37.20 30.27 8.39
N MET E 92 -37.68 29.22 7.72
CA MET E 92 -37.44 27.87 8.18
C MET E 92 -36.05 27.41 7.75
N TYR E 93 -35.26 26.95 8.69
CA TYR E 93 -33.90 26.51 8.41
C TYR E 93 -33.85 24.98 8.43
N TYR E 94 -33.31 24.39 7.36
CA TYR E 94 -33.18 22.94 7.23
C TYR E 94 -31.74 22.53 7.33
N CYS E 95 -31.46 21.52 8.17
CA CYS E 95 -30.25 20.76 7.99
C CYS E 95 -30.39 19.84 6.78
N VAL E 96 -29.41 19.89 5.87
CA VAL E 96 -29.41 19.06 4.68
C VAL E 96 -28.08 18.34 4.66
N ARG E 97 -28.14 17.00 4.64
CA ARG E 97 -26.90 16.24 4.59
C ARG E 97 -26.44 16.18 3.13
N SER E 98 -25.15 15.98 2.94
CA SER E 98 -24.62 15.82 1.60
C SER E 98 -23.36 14.99 1.61
N ILE E 99 -23.20 14.21 0.54
CA ILE E 99 -22.10 13.29 0.39
C ILE E 99 -21.63 13.33 -1.07
N TYR E 100 -20.30 13.38 -1.27
CA TYR E 100 -19.76 13.73 -2.58
C TYR E 100 -18.76 12.68 -3.03
N TYR E 101 -19.15 11.85 -3.97
CA TYR E 101 -18.32 10.85 -4.64
C TYR E 101 -19.02 10.49 -5.94
N TYR E 102 -18.32 9.77 -6.80
CA TYR E 102 -18.92 9.46 -8.10
C TYR E 102 -20.20 8.67 -7.90
N GLY E 103 -21.31 9.27 -8.33
CA GLY E 103 -22.64 8.67 -8.25
C GLY E 103 -23.39 8.86 -6.97
N SER E 104 -22.85 9.66 -6.03
CA SER E 104 -23.59 9.95 -4.81
C SER E 104 -24.84 10.78 -5.10
N SER E 105 -25.72 10.84 -4.10
CA SER E 105 -26.93 11.65 -4.15
C SER E 105 -26.89 12.68 -3.03
N PRO E 106 -26.23 13.81 -3.20
CA PRO E 106 -26.23 14.85 -2.17
C PRO E 106 -27.60 15.50 -2.07
N PHE E 107 -27.85 16.13 -0.93
CA PHE E 107 -29.13 16.73 -0.59
C PHE E 107 -30.27 15.69 -0.49
N ASP E 108 -29.94 14.44 -0.23
CA ASP E 108 -30.94 13.38 -0.27
C ASP E 108 -31.90 13.47 0.93
N PHE E 109 -31.36 13.65 2.13
CA PHE E 109 -32.17 13.75 3.33
C PHE E 109 -32.19 15.18 3.88
N TRP E 110 -33.39 15.68 4.18
CA TRP E 110 -33.59 17.01 4.73
C TRP E 110 -34.32 16.90 6.06
N GLY E 111 -33.79 17.55 7.08
CA GLY E 111 -34.42 17.55 8.39
C GLY E 111 -35.75 18.28 8.36
N GLN E 112 -36.50 18.10 9.45
CA GLN E 112 -37.85 18.64 9.53
C GLN E 112 -37.85 20.16 9.58
N GLY E 113 -36.72 20.79 9.82
CA GLY E 113 -36.58 22.24 9.81
C GLY E 113 -36.83 22.88 11.17
N THR E 114 -36.38 24.12 11.29
CA THR E 114 -36.60 24.96 12.44
C THR E 114 -36.97 26.36 11.97
N THR E 115 -38.04 26.91 12.52
CA THR E 115 -38.47 28.26 12.19
C THR E 115 -37.63 29.28 12.98
N LEU E 116 -37.13 30.31 12.28
CA LEU E 116 -36.64 31.51 12.94
C LEU E 116 -37.55 32.68 12.63
N THR E 117 -38.13 33.27 13.67
CA THR E 117 -38.92 34.49 13.53
C THR E 117 -38.11 35.67 14.03
N VAL E 118 -38.03 36.72 13.24
CA VAL E 118 -37.37 37.96 13.64
C VAL E 118 -38.42 39.05 13.69
N SER E 119 -38.54 39.66 14.86
CA SER E 119 -39.74 40.39 15.22
C SER E 119 -40.04 41.56 14.28
N ALA E 120 -39.03 42.06 13.56
CA ALA E 120 -39.22 43.07 12.54
C ALA E 120 -39.92 44.32 13.09
N SER E 135 -23.05 40.30 -9.07
CA SER E 135 -23.37 38.94 -8.56
C SER E 135 -23.36 37.94 -9.71
N ALA E 136 -22.31 37.12 -9.80
CA ALA E 136 -22.22 36.09 -10.86
C ALA E 136 -22.93 34.83 -10.36
N ASP E 137 -23.67 34.96 -9.26
CA ASP E 137 -24.46 33.82 -8.73
C ASP E 137 -25.39 33.37 -9.86
N ILE E 138 -25.37 32.08 -10.16
CA ILE E 138 -26.24 31.52 -11.21
C ILE E 138 -27.68 31.82 -10.89
N VAL E 139 -28.34 32.59 -11.75
CA VAL E 139 -29.77 32.80 -11.61
C VAL E 139 -30.51 31.59 -12.17
N MET E 140 -31.47 31.08 -11.39
CA MET E 140 -32.35 29.99 -11.80
C MET E 140 -33.75 30.54 -11.96
N THR E 141 -34.35 30.30 -13.12
CA THR E 141 -35.69 30.79 -13.44
C THR E 141 -36.62 29.60 -13.62
N GLN E 142 -37.73 29.60 -12.88
CA GLN E 142 -38.84 28.71 -13.15
C GLN E 142 -40.05 29.56 -13.55
N ALA E 143 -40.09 29.93 -14.82
CA ALA E 143 -41.00 30.99 -15.25
C ALA E 143 -42.47 30.64 -15.00
N THR E 144 -42.80 29.36 -15.06
CA THR E 144 -44.12 28.90 -14.67
C THR E 144 -44.17 28.68 -13.15
N SER E 145 -44.79 29.62 -12.45
CA SER E 145 -44.96 29.50 -11.01
C SER E 145 -46.06 28.54 -10.57
N SER E 146 -47.03 28.24 -11.44
CA SER E 146 -48.10 27.33 -11.07
C SER E 146 -48.51 26.50 -12.26
N VAL E 147 -48.89 25.25 -12.02
CA VAL E 147 -49.51 24.40 -13.01
C VAL E 147 -50.74 23.76 -12.37
N PRO E 148 -51.93 23.90 -12.96
CA PRO E 148 -53.08 23.12 -12.48
C PRO E 148 -52.97 21.68 -12.95
N VAL E 149 -52.98 20.73 -11.98
CA VAL E 149 -52.76 19.32 -12.28
C VAL E 149 -53.92 18.49 -11.76
N THR E 150 -54.23 17.43 -12.50
CA THR E 150 -55.21 16.40 -12.24
C THR E 150 -54.53 15.04 -12.19
N PRO E 151 -54.88 14.18 -11.23
CA PRO E 151 -54.20 12.87 -11.14
C PRO E 151 -54.34 12.09 -12.44
N GLY E 152 -53.27 11.37 -12.77
CA GLY E 152 -53.16 10.65 -14.00
C GLY E 152 -52.63 11.47 -15.17
N GLU E 153 -52.66 12.79 -15.07
CA GLU E 153 -52.09 13.62 -16.12
C GLU E 153 -50.57 13.54 -16.10
N SER E 154 -49.97 13.88 -17.23
CA SER E 154 -48.54 14.07 -17.35
C SER E 154 -48.22 15.56 -17.37
N VAL E 155 -47.29 15.97 -16.52
CA VAL E 155 -46.94 17.38 -16.37
C VAL E 155 -45.44 17.53 -16.42
N SER E 156 -44.97 18.57 -17.11
CA SER E 156 -43.59 18.68 -17.54
C SER E 156 -43.04 19.99 -17.00
N ILE E 157 -42.54 19.96 -15.76
CA ILE E 157 -42.00 21.16 -15.13
C ILE E 157 -40.67 21.48 -15.79
N SER E 158 -40.43 22.76 -16.06
CA SER E 158 -39.24 23.20 -16.78
C SER E 158 -38.55 24.33 -16.04
N CYS E 159 -37.22 24.38 -16.20
CA CYS E 159 -36.31 25.21 -15.43
C CYS E 159 -35.23 25.72 -16.37
N ARG E 160 -34.77 26.95 -16.15
CA ARG E 160 -33.70 27.53 -16.94
C ARG E 160 -32.68 28.23 -16.05
N SER E 161 -31.43 28.13 -16.46
CA SER E 161 -30.30 28.65 -15.70
C SER E 161 -29.53 29.68 -16.51
N SER E 162 -29.07 30.73 -15.86
CA SER E 162 -28.28 31.77 -16.49
C SER E 162 -26.86 31.32 -16.87
N LYS E 163 -26.58 30.04 -16.70
CA LYS E 163 -25.36 29.42 -17.15
C LYS E 163 -25.65 27.97 -17.46
N SER E 164 -24.91 27.41 -18.43
CA SER E 164 -24.98 25.99 -18.71
C SER E 164 -24.35 25.19 -17.58
N LEU E 165 -25.12 24.25 -17.04
CA LEU E 165 -24.66 23.35 -15.98
C LEU E 165 -23.89 22.14 -16.51
N LEU E 166 -23.77 21.94 -17.83
CA LEU E 166 -22.93 20.87 -18.34
C LEU E 166 -21.48 21.24 -18.17
N HIS E 167 -20.87 20.69 -17.11
CA HIS E 167 -19.46 20.88 -16.89
C HIS E 167 -18.67 20.03 -17.88
N SER E 168 -17.40 20.41 -18.05
CA SER E 168 -16.57 19.75 -19.05
C SER E 168 -16.38 18.26 -18.77
N ASN E 169 -16.59 17.80 -17.54
CA ASN E 169 -16.59 16.38 -17.22
C ASN E 169 -17.87 15.66 -17.64
N GLY E 170 -18.87 16.40 -18.14
CA GLY E 170 -20.08 15.80 -18.64
C GLY E 170 -21.19 15.65 -17.64
N ASN E 171 -21.03 16.15 -16.42
CA ASN E 171 -22.12 16.13 -15.45
C ASN E 171 -22.90 17.42 -15.55
N THR E 172 -24.21 17.31 -15.69
CA THR E 172 -25.13 18.44 -15.54
C THR E 172 -25.52 18.54 -14.08
N TYR E 173 -24.92 19.48 -13.38
CA TYR E 173 -25.07 19.64 -11.93
C TYR E 173 -26.39 20.33 -11.65
N LEU E 174 -27.48 19.63 -11.93
CA LEU E 174 -28.83 20.09 -11.69
C LEU E 174 -29.58 19.14 -10.74
N TYR E 175 -30.33 19.73 -9.81
CA TYR E 175 -31.08 18.96 -8.82
C TYR E 175 -32.55 19.39 -8.84
N TRP E 176 -33.41 18.44 -8.55
CA TRP E 176 -34.83 18.65 -8.35
C TRP E 176 -35.27 18.20 -6.97
N PHE E 177 -36.07 19.04 -6.33
CA PHE E 177 -36.60 18.83 -4.99
C PHE E 177 -38.12 18.97 -4.98
N LEU E 178 -38.77 18.09 -4.24
CA LEU E 178 -40.19 18.16 -4.02
C LEU E 178 -40.45 18.49 -2.56
N GLN E 179 -41.09 19.62 -2.32
CA GLN E 179 -41.58 19.96 -0.99
C GLN E 179 -43.07 19.61 -0.96
N ARG E 180 -43.41 18.37 -0.64
CA ARG E 180 -44.79 18.01 -0.39
C ARG E 180 -45.34 18.94 0.70
N PRO E 181 -46.57 19.41 0.57
CA PRO E 181 -47.04 20.52 1.42
C PRO E 181 -47.06 20.17 2.91
N GLY E 182 -46.33 20.96 3.71
CA GLY E 182 -46.24 20.76 5.13
C GLY E 182 -45.13 19.85 5.60
N GLN E 183 -44.15 19.53 4.77
CA GLN E 183 -43.02 18.69 5.18
C GLN E 183 -41.75 19.13 4.46
N SER E 184 -40.64 18.62 4.94
CA SER E 184 -39.35 19.04 4.42
C SER E 184 -39.13 18.58 3.00
N PRO E 185 -38.36 19.35 2.21
CA PRO E 185 -38.15 18.99 0.82
C PRO E 185 -37.56 17.60 0.70
N GLN E 186 -37.82 16.94 -0.40
CA GLN E 186 -37.27 15.61 -0.63
C GLN E 186 -36.61 15.63 -2.01
N LEU E 187 -35.40 15.09 -2.08
CA LEU E 187 -34.69 15.00 -3.34
C LEU E 187 -35.39 14.05 -4.29
N LEU E 188 -35.80 14.56 -5.44
CA LEU E 188 -36.27 13.72 -6.53
C LEU E 188 -35.17 13.28 -7.49
N ILE E 189 -34.48 14.23 -8.07
CA ILE E 189 -33.46 13.95 -9.08
C ILE E 189 -32.17 14.65 -8.70
N TYR E 190 -31.05 13.95 -8.89
CA TYR E 190 -29.74 14.53 -8.78
C TYR E 190 -29.01 14.40 -10.13
N ARG E 191 -28.14 15.37 -10.39
CA ARG E 191 -27.39 15.54 -11.66
C ARG E 191 -28.26 15.32 -12.91
N MET E 192 -29.38 16.04 -12.91
CA MET E 192 -30.36 16.14 -14.00
C MET E 192 -31.14 14.87 -14.33
N SER E 193 -30.56 13.68 -14.14
CA SER E 193 -31.24 12.50 -14.67
C SER E 193 -31.06 11.23 -13.84
N ASN E 194 -30.75 11.33 -12.55
CA ASN E 194 -30.73 10.17 -11.67
C ASN E 194 -31.84 10.31 -10.62
N LEU E 195 -32.71 9.31 -10.51
CA LEU E 195 -33.73 9.31 -9.45
C LEU E 195 -33.09 8.91 -8.14
N ALA E 196 -33.45 9.63 -7.07
CA ALA E 196 -32.98 9.32 -5.73
C ALA E 196 -33.51 7.96 -5.24
N SER E 197 -32.92 7.50 -4.15
CA SER E 197 -33.41 6.33 -3.44
C SER E 197 -34.88 6.51 -3.08
N GLY E 198 -35.69 5.52 -3.45
CA GLY E 198 -37.10 5.50 -3.12
C GLY E 198 -37.98 6.42 -3.93
N VAL E 199 -37.44 7.13 -4.89
CA VAL E 199 -38.30 7.96 -5.73
C VAL E 199 -39.05 7.06 -6.71
N PRO E 200 -40.35 7.26 -6.91
CA PRO E 200 -41.08 6.49 -7.92
C PRO E 200 -40.47 6.65 -9.30
N ASP E 201 -40.39 5.53 -10.01
CA ASP E 201 -39.83 5.52 -11.37
C ASP E 201 -40.67 6.31 -12.34
N ARG E 202 -41.84 6.81 -11.94
CA ARG E 202 -42.65 7.71 -12.78
C ARG E 202 -42.01 9.09 -12.95
N PHE E 203 -41.12 9.48 -12.05
CA PHE E 203 -40.36 10.70 -12.32
C PHE E 203 -39.27 10.44 -13.34
N SER E 204 -38.98 11.46 -14.15
CA SER E 204 -37.86 11.43 -15.10
C SER E 204 -37.35 12.82 -15.35
N GLY E 205 -36.05 12.92 -15.61
CA GLY E 205 -35.41 14.18 -15.85
C GLY E 205 -34.67 14.17 -17.17
N SER E 206 -34.58 15.34 -17.77
CA SER E 206 -33.97 15.51 -19.09
C SER E 206 -33.49 16.94 -19.19
N GLY E 207 -32.61 17.18 -20.16
CA GLY E 207 -32.17 18.54 -20.44
C GLY E 207 -30.99 18.72 -21.38
N SER E 208 -30.85 19.93 -21.89
CA SER E 208 -29.81 20.27 -22.86
C SER E 208 -28.53 20.77 -22.20
N GLY E 209 -28.51 20.82 -20.87
CA GLY E 209 -27.47 21.49 -20.11
C GLY E 209 -27.80 22.91 -19.70
N THR E 210 -28.62 23.64 -20.48
CA THR E 210 -29.04 24.98 -20.10
C THR E 210 -30.55 25.13 -20.05
N ALA E 211 -31.31 24.17 -20.54
CA ALA E 211 -32.75 24.08 -20.33
C ALA E 211 -33.08 22.67 -19.89
N PHE E 212 -34.00 22.56 -18.95
CA PHE E 212 -34.29 21.30 -18.28
C PHE E 212 -35.78 21.15 -18.10
N THR E 213 -36.22 19.89 -18.02
CA THR E 213 -37.63 19.56 -17.90
C THR E 213 -37.79 18.34 -16.99
N LEU E 214 -38.66 18.47 -15.98
CA LEU E 214 -39.05 17.33 -15.15
C LEU E 214 -40.42 16.84 -15.56
N THR E 215 -40.49 15.57 -16.00
CA THR E 215 -41.73 14.97 -16.51
C THR E 215 -42.27 14.00 -15.47
N ILE E 216 -43.25 14.44 -14.70
CA ILE E 216 -43.97 13.60 -13.76
C ILE E 216 -45.07 12.85 -14.51
N SER E 217 -44.71 11.68 -15.03
CA SER E 217 -45.67 10.78 -15.62
C SER E 217 -46.56 10.17 -14.54
N ARG E 218 -47.77 9.81 -14.92
CA ARG E 218 -48.74 9.13 -14.06
C ARG E 218 -48.82 9.76 -12.66
N LEU E 219 -49.12 11.06 -12.63
CA LEU E 219 -49.09 11.84 -11.40
C LEU E 219 -49.98 11.23 -10.33
N GLU E 220 -49.54 11.37 -9.08
CA GLU E 220 -50.25 10.91 -7.91
C GLU E 220 -50.46 12.08 -6.96
N ALA E 221 -51.45 11.96 -6.08
CA ALA E 221 -51.71 12.99 -5.08
C ALA E 221 -50.53 13.19 -4.12
N GLU E 222 -49.57 12.26 -4.08
CA GLU E 222 -48.32 12.40 -3.36
C GLU E 222 -47.29 13.25 -4.11
N ASP E 223 -47.56 13.56 -5.36
CA ASP E 223 -46.68 14.36 -6.21
C ASP E 223 -47.02 15.85 -6.19
N VAL E 224 -48.18 16.25 -5.68
CA VAL E 224 -48.49 17.67 -5.52
C VAL E 224 -47.59 18.28 -4.46
N GLY E 225 -47.31 19.55 -4.60
CA GLY E 225 -46.37 20.30 -3.78
C GLY E 225 -45.60 21.28 -4.63
N VAL E 226 -44.52 21.80 -4.05
CA VAL E 226 -43.67 22.82 -4.70
C VAL E 226 -42.38 22.17 -5.19
N TYR E 227 -42.06 22.39 -6.46
CA TYR E 227 -40.92 21.79 -7.13
C TYR E 227 -39.83 22.80 -7.37
N TYR E 228 -38.64 22.54 -6.80
CA TYR E 228 -37.50 23.43 -6.92
C TYR E 228 -36.45 22.75 -7.80
N CYS E 229 -35.98 23.47 -8.81
CA CYS E 229 -34.71 23.13 -9.42
C CYS E 229 -33.56 23.85 -8.72
N MET E 230 -32.42 23.16 -8.63
CA MET E 230 -31.21 23.70 -8.03
C MET E 230 -30.00 23.35 -8.87
N GLN E 231 -28.99 24.22 -8.81
CA GLN E 231 -27.71 23.99 -9.48
C GLN E 231 -26.65 23.71 -8.43
N HIS E 232 -25.71 22.81 -8.78
CA HIS E 232 -24.58 22.55 -7.88
C HIS E 232 -23.26 22.71 -8.65
N LEU E 233 -23.24 23.59 -9.65
CA LEU E 233 -21.99 23.95 -10.34
C LEU E 233 -21.12 24.89 -9.53
N GLU E 234 -21.70 25.95 -8.93
CA GLU E 234 -20.93 26.98 -8.25
C GLU E 234 -21.66 27.35 -6.98
N TYR E 235 -20.86 27.62 -5.93
CA TYR E 235 -21.33 28.38 -4.78
C TYR E 235 -21.42 29.87 -5.13
N PRO E 236 -22.48 30.57 -4.69
CA PRO E 236 -23.63 30.09 -3.93
C PRO E 236 -24.59 29.18 -4.69
N LEU E 237 -24.98 28.11 -4.03
CA LEU E 237 -26.02 27.22 -4.55
C LEU E 237 -27.36 27.97 -4.59
N THR E 238 -28.07 27.88 -5.72
CA THR E 238 -29.23 28.70 -6.00
C THR E 238 -30.41 27.84 -6.43
N PHE E 239 -31.62 28.23 -6.01
CA PHE E 239 -32.86 27.51 -6.27
C PHE E 239 -33.76 28.37 -7.14
N GLY E 240 -34.59 27.73 -7.96
CA GLY E 240 -35.72 28.43 -8.55
C GLY E 240 -36.75 28.82 -7.51
N ALA E 241 -37.67 29.68 -7.93
CA ALA E 241 -38.75 30.09 -7.04
C ALA E 241 -39.68 28.95 -6.69
N GLY E 242 -39.73 27.89 -7.50
CA GLY E 242 -40.57 26.74 -7.23
C GLY E 242 -41.91 26.79 -7.92
N THR E 243 -42.15 25.83 -8.80
CA THR E 243 -43.47 25.63 -9.36
C THR E 243 -44.35 24.83 -8.42
N LYS E 244 -45.51 25.37 -8.09
CA LYS E 244 -46.46 24.70 -7.23
C LYS E 244 -47.46 23.89 -8.06
N LEU E 245 -47.60 22.60 -7.75
CA LEU E 245 -48.63 21.77 -8.35
C LEU E 245 -49.86 21.74 -7.44
N GLU E 246 -50.99 22.13 -7.99
CA GLU E 246 -52.20 22.43 -7.23
C GLU E 246 -53.29 21.44 -7.60
N LEU E 247 -53.86 20.77 -6.61
CA LEU E 247 -54.76 19.64 -6.84
C LEU E 247 -56.14 20.15 -7.17
N ASP F 1 52.22 39.29 1.97
CA ASP F 1 52.08 38.78 3.32
C ASP F 1 51.24 37.50 3.38
N TYS F 2 49.92 37.66 3.25
CA TYS F 2 48.96 36.55 3.26
CB TYS F 2 49.21 35.66 2.04
CG TYS F 2 48.00 34.80 1.71
CD1 TYS F 2 47.79 33.56 2.32
CD2 TYS F 2 47.07 35.29 0.80
CE1 TYS F 2 46.68 32.80 2.00
CE2 TYS F 2 45.98 34.52 0.48
CZ TYS F 2 45.77 33.30 1.08
OH TYS F 2 44.66 32.56 0.74
S TYS F 2 43.27 32.96 1.24
O1 TYS F 2 42.58 31.67 1.96
O2 TYS F 2 42.48 33.42 0.14
O3 TYS F 2 43.40 34.02 2.20
C TYS F 2 49.11 35.78 4.52
O TYS F 2 49.58 34.63 4.48
N MET F 3 48.73 36.39 5.63
CA MET F 3 48.73 35.69 6.92
C MET F 3 47.31 35.41 7.39
N GLY F 4 46.89 34.17 7.26
CA GLY F 4 45.60 33.75 7.75
C GLY F 4 45.04 32.63 6.91
N TRP F 5 43.86 32.18 7.28
CA TRP F 5 43.11 31.20 6.52
C TRP F 5 41.63 31.55 6.60
N MET F 6 40.88 31.12 5.60
CA MET F 6 39.42 31.15 5.71
C MET F 6 38.95 30.13 6.74
N ASP F 7 37.86 30.47 7.44
CA ASP F 7 37.50 29.71 8.63
C ASP F 7 37.36 28.22 8.32
N PHE F 8 36.83 27.87 7.16
CA PHE F 8 36.65 26.47 6.74
C PHE F 8 37.33 26.22 5.40
N PHE F 9 38.24 27.11 5.03
#